data_4R20
#
_entry.id   4R20
#
_cell.length_a   57.010
_cell.length_b   79.770
_cell.length_c   95.240
_cell.angle_alpha   90.00
_cell.angle_beta   92.73
_cell.angle_gamma   90.00
#
_symmetry.space_group_name_H-M   'P 1 21 1'
#
loop_
_entity.id
_entity.type
_entity.pdbx_description
1 polymer 'Cytochrome P450 family 17 polypeptide 2'
2 non-polymer 'PROTOPORPHYRIN IX CONTAINING FE'
3 non-polymer Abiraterone
4 non-polymer 'MERCURY (II) ION'
5 water water
#
_entity_poly.entity_id   1
_entity_poly.type   'polypeptide(L)'
_entity_poly.pdbx_seq_one_letter_code
;MAKKTSSKGKEGVGSSSVSFPCLPRLPLLGSLLHLRSNLPPHLLFTQLSSQYGPLFGLYAGPHLTLVVSEIGLVREVLLQ
RGREFAGRPKMVTTDLLTQGGKDIAFADYSPLWKNHRRLVHSSFTLFGEGSNKLQTIVQEAADSLCEELQACRGQSSDLS
VVLMRAVTNVICRLVFSSSYQPSDPELQTVIQYNDGIVQTIARGGLVDIFPWLRIFPNKDLKRLKECVSIRDQLLYKKLL
EHKKSLTPGEPRDLLDALLIGQQRGSGGADDITEDHVLMTAAEAFGAGVETTSTTLLWTIAFLLHHPQLQERVQAELDEC
VGVDRPPCLSDRPHLPLLDAVLCEVMRIRPVSPILIPHVAMQDTSLGGHSVPKGTRVLVNMWAIHHDPKHWDQPEQFNPE
RFLEPSGKKKTQSSFLPFGAGPRVCVGESLARIELFLFVSRPLQRFSFSCPSEASLPDLQGRFGVVLQPERYTVTVTPRH
HHHHHH
;
_entity_poly.pdbx_strand_id   A,B
#
loop_
_chem_comp.id
_chem_comp.type
_chem_comp.name
_chem_comp.formula
AER non-polymer Abiraterone 'C24 H31 N O'
HEM non-polymer 'PROTOPORPHYRIN IX CONTAINING FE' 'C34 H32 Fe N4 O4'
HG non-polymer 'MERCURY (II) ION' 'Hg 2'
#
# COMPACT_ATOMS: atom_id res chain seq x y z
N PRO A 40 43.17 -3.62 -16.76
CA PRO A 40 42.54 -2.57 -15.95
C PRO A 40 43.21 -2.44 -14.59
N PRO A 41 43.44 -1.18 -14.15
CA PRO A 41 44.06 -0.83 -12.89
C PRO A 41 43.78 -1.79 -11.75
N HIS A 42 42.52 -2.12 -11.53
CA HIS A 42 42.19 -2.91 -10.34
C HIS A 42 42.70 -4.33 -10.44
N LEU A 43 42.70 -4.89 -11.65
CA LEU A 43 43.37 -6.18 -11.94
C LEU A 43 44.87 -6.10 -11.99
N LEU A 44 45.38 -5.00 -12.52
CA LEU A 44 46.83 -4.83 -12.64
C LEU A 44 47.47 -4.80 -11.25
N PHE A 45 47.02 -3.89 -10.40
CA PHE A 45 47.64 -3.76 -9.09
C PHE A 45 47.30 -4.93 -8.20
N THR A 46 46.24 -5.66 -8.52
CA THR A 46 45.93 -6.89 -7.77
C THR A 46 46.99 -7.95 -8.05
N GLN A 47 47.29 -8.18 -9.31
CA GLN A 47 48.34 -9.11 -9.76
C GLN A 47 49.75 -8.76 -9.25
N LEU A 48 50.08 -7.47 -9.27
CA LEU A 48 51.39 -7.00 -8.85
C LEU A 48 51.59 -7.10 -7.34
N SER A 49 50.50 -7.18 -6.59
CA SER A 49 50.59 -7.23 -5.14
C SER A 49 51.21 -8.51 -4.62
N SER A 50 51.03 -9.61 -5.33
CA SER A 50 51.58 -10.88 -4.89
C SER A 50 53.11 -10.80 -4.77
N GLN A 51 53.76 -10.17 -5.74
CA GLN A 51 55.22 -10.27 -5.87
C GLN A 51 55.97 -8.99 -5.48
N TYR A 52 55.49 -7.82 -5.92
CA TYR A 52 55.93 -6.54 -5.35
C TYR A 52 54.95 -6.26 -4.21
N GLY A 53 55.11 -5.20 -3.43
CA GLY A 53 54.25 -5.08 -2.22
C GLY A 53 52.74 -4.90 -2.43
N PRO A 54 51.94 -5.02 -1.37
CA PRO A 54 50.56 -4.57 -1.45
C PRO A 54 50.38 -3.04 -1.55
N LEU A 55 51.48 -2.30 -1.66
CA LEU A 55 51.44 -0.86 -1.63
C LEU A 55 52.37 -0.30 -2.71
N PHE A 56 51.79 0.49 -3.61
CA PHE A 56 52.50 1.05 -4.73
C PHE A 56 52.48 2.57 -4.69
N GLY A 57 53.34 3.18 -5.49
CA GLY A 57 53.39 4.62 -5.64
C GLY A 57 53.55 4.95 -7.11
N LEU A 58 52.78 5.94 -7.56
CA LEU A 58 52.84 6.45 -8.92
C LEU A 58 52.98 7.95 -8.79
N TYR A 59 53.72 8.57 -9.71
CA TYR A 59 53.88 10.03 -9.68
C TYR A 59 53.24 10.69 -10.92
N ALA A 60 52.47 11.76 -10.66
CA ALA A 60 51.76 12.55 -11.68
C ALA A 60 51.88 14.02 -11.29
N GLY A 61 52.56 14.79 -12.15
CA GLY A 61 52.94 16.14 -11.79
C GLY A 61 53.83 16.07 -10.57
N PRO A 62 53.48 16.79 -9.48
CA PRO A 62 54.17 16.73 -8.21
C PRO A 62 53.29 16.11 -7.12
N HIS A 63 52.18 15.47 -7.50
CA HIS A 63 51.30 14.81 -6.54
C HIS A 63 51.42 13.28 -6.60
N LEU A 64 51.72 12.69 -5.44
CA LEU A 64 51.89 11.25 -5.32
C LEU A 64 50.56 10.49 -5.19
N THR A 65 50.50 9.31 -5.79
CA THR A 65 49.34 8.44 -5.67
C THR A 65 49.73 7.07 -5.12
N LEU A 66 49.23 6.71 -3.94
CA LEU A 66 49.48 5.36 -3.39
C LEU A 66 48.36 4.42 -3.80
N VAL A 67 48.68 3.18 -4.16
CA VAL A 67 47.62 2.19 -4.36
C VAL A 67 47.66 1.20 -3.20
N VAL A 68 46.53 1.01 -2.56
CA VAL A 68 46.47 0.17 -1.39
C VAL A 68 45.67 -1.09 -1.68
N SER A 69 46.33 -2.25 -1.57
CA SER A 69 45.73 -3.52 -2.01
C SER A 69 45.85 -4.64 -0.96
N GLU A 70 45.73 -4.30 0.32
CA GLU A 70 45.79 -5.29 1.40
C GLU A 70 44.86 -4.81 2.48
N ILE A 71 44.06 -5.71 3.03
CA ILE A 71 43.00 -5.34 4.02
C ILE A 71 43.47 -4.46 5.20
N GLY A 72 44.65 -4.78 5.74
CA GLY A 72 45.19 -4.07 6.89
C GLY A 72 45.38 -2.61 6.59
N LEU A 73 46.12 -2.35 5.51
CA LEU A 73 46.39 -1.00 5.07
C LEU A 73 45.13 -0.18 4.66
N VAL A 74 44.08 -0.83 4.15
CA VAL A 74 42.88 -0.06 3.82
C VAL A 74 42.15 0.33 5.09
N ARG A 75 42.24 -0.49 6.13
CA ARG A 75 41.58 -0.15 7.41
C ARG A 75 42.35 0.95 8.09
N GLU A 76 43.66 1.04 7.84
CA GLU A 76 44.43 2.19 8.30
C GLU A 76 43.93 3.49 7.62
N VAL A 77 43.71 3.40 6.31
CA VAL A 77 43.21 4.52 5.52
C VAL A 77 41.76 4.88 5.86
N LEU A 78 40.90 3.88 5.98
CA LEU A 78 39.48 4.16 6.17
C LEU A 78 39.07 4.25 7.65
N LEU A 79 39.56 3.37 8.53
CA LEU A 79 39.29 3.47 9.99
C LEU A 79 40.41 4.12 10.79
N GLN A 80 41.42 3.32 11.12
CA GLN A 80 42.49 3.70 12.05
C GLN A 80 42.81 5.20 11.94
N ARG A 81 43.14 5.65 10.73
CA ARG A 81 43.44 7.07 10.46
C ARG A 81 42.49 7.61 9.39
N GLY A 82 41.20 7.37 9.61
CA GLY A 82 40.14 7.77 8.70
C GLY A 82 40.09 9.27 8.40
N ARG A 83 40.27 10.09 9.44
CA ARG A 83 40.08 11.53 9.31
C ARG A 83 41.16 12.19 8.48
N GLU A 84 42.40 11.72 8.63
CA GLU A 84 43.54 12.33 7.93
C GLU A 84 43.51 12.01 6.43
N PHE A 85 42.82 10.95 6.05
CA PHE A 85 42.71 10.55 4.65
C PHE A 85 41.35 10.84 4.08
N ALA A 86 40.64 11.79 4.67
CA ALA A 86 39.23 11.99 4.32
C ALA A 86 39.02 13.09 3.30
N GLY A 87 40.12 13.60 2.72
CA GLY A 87 40.01 14.58 1.65
C GLY A 87 39.60 13.92 0.35
N ARG A 88 39.06 14.70 -0.58
CA ARG A 88 38.84 14.24 -1.95
C ARG A 88 39.53 15.20 -2.89
N PRO A 89 39.85 14.76 -4.10
CA PRO A 89 40.59 15.64 -5.01
C PRO A 89 39.71 16.55 -5.86
N LYS A 90 40.29 17.67 -6.30
CA LYS A 90 39.61 18.63 -7.18
C LYS A 90 40.00 18.42 -8.64
N MET A 91 39.26 17.54 -9.31
CA MET A 91 39.43 17.30 -10.75
C MET A 91 38.51 18.31 -11.41
N VAL A 92 38.44 18.31 -12.73
CA VAL A 92 37.54 19.23 -13.44
C VAL A 92 36.26 18.56 -13.90
N THR A 93 36.29 17.26 -14.13
CA THR A 93 35.09 16.54 -14.52
C THR A 93 34.13 16.49 -13.36
N THR A 94 34.69 16.32 -12.16
CA THR A 94 33.92 16.23 -10.93
C THR A 94 33.39 17.57 -10.53
N ASP A 95 34.18 18.60 -10.81
CA ASP A 95 33.74 19.98 -10.61
C ASP A 95 32.45 20.21 -11.36
N LEU A 96 32.44 19.79 -12.63
CA LEU A 96 31.29 20.03 -13.46
C LEU A 96 30.08 19.32 -12.89
N LEU A 97 30.25 18.04 -12.64
CA LEU A 97 29.21 17.22 -12.02
C LEU A 97 28.58 17.89 -10.81
N THR A 98 29.41 18.45 -9.93
CA THR A 98 28.97 18.86 -8.59
C THR A 98 29.14 20.37 -8.29
N GLN A 99 29.29 21.16 -9.34
CA GLN A 99 29.33 22.60 -9.18
C GLN A 99 30.52 22.94 -8.29
N GLY A 100 31.65 22.28 -8.54
CA GLY A 100 32.90 22.55 -7.82
C GLY A 100 32.84 22.13 -6.37
N GLY A 101 32.56 20.85 -6.14
CA GLY A 101 32.62 20.27 -4.80
C GLY A 101 31.47 20.66 -3.87
N LYS A 102 30.29 20.89 -4.44
CA LYS A 102 29.08 21.26 -3.68
C LYS A 102 28.23 20.06 -3.25
N ASP A 103 28.68 18.84 -3.55
CA ASP A 103 27.97 17.59 -3.23
C ASP A 103 28.46 16.98 -1.89
N ILE A 104 28.35 15.65 -1.77
CA ILE A 104 29.04 14.91 -0.72
C ILE A 104 30.32 14.18 -1.21
N ALA A 105 30.21 13.43 -2.31
CA ALA A 105 31.22 12.43 -2.69
C ALA A 105 32.52 13.02 -3.16
N PHE A 106 32.50 14.21 -3.75
CA PHE A 106 33.73 14.81 -4.26
C PHE A 106 34.09 16.11 -3.55
N ALA A 107 33.48 16.33 -2.39
CA ALA A 107 33.74 17.52 -1.59
C ALA A 107 34.80 17.20 -0.55
N ASP A 108 35.64 18.18 -0.19
CA ASP A 108 36.62 17.95 0.86
C ASP A 108 35.96 17.80 2.22
N TYR A 109 36.57 17.02 3.09
CA TYR A 109 36.15 16.92 4.48
C TYR A 109 36.38 18.29 5.11
N SER A 110 35.40 18.76 5.86
CA SER A 110 35.40 20.12 6.39
C SER A 110 34.20 20.22 7.31
N PRO A 111 34.17 21.23 8.19
CA PRO A 111 33.00 21.38 9.08
C PRO A 111 31.71 21.52 8.27
N LEU A 112 31.79 22.25 7.17
CA LEU A 112 30.72 22.37 6.18
C LEU A 112 30.26 21.01 5.62
N TRP A 113 31.22 20.11 5.41
CA TRP A 113 30.95 18.74 4.95
C TRP A 113 30.34 17.80 6.03
N LYS A 114 30.72 17.99 7.29
CA LYS A 114 30.27 17.10 8.37
C LYS A 114 28.81 17.35 8.75
N ASN A 115 28.43 18.63 8.75
CA ASN A 115 27.04 19.02 9.04
C ASN A 115 26.15 18.68 7.86
N HIS A 116 26.71 18.84 6.65
CA HIS A 116 26.04 18.51 5.39
C HIS A 116 25.79 17.00 5.29
N ARG A 117 26.78 16.20 5.67
CA ARG A 117 26.59 14.76 5.72
C ARG A 117 25.58 14.33 6.78
N ARG A 118 25.62 14.96 7.95
CA ARG A 118 24.69 14.66 9.06
C ARG A 118 23.26 14.76 8.58
N LEU A 119 22.98 15.87 7.90
CA LEU A 119 21.64 16.15 7.37
C LEU A 119 21.18 15.01 6.50
N VAL A 120 22.06 14.60 5.59
CA VAL A 120 21.69 13.57 4.65
C VAL A 120 21.45 12.25 5.39
N HIS A 121 22.33 11.95 6.33
CA HIS A 121 22.24 10.69 7.07
C HIS A 121 20.93 10.56 7.83
N SER A 122 20.70 11.53 8.70
CA SER A 122 19.46 11.63 9.41
C SER A 122 18.43 11.13 8.44
N SER A 123 18.40 11.86 7.35
CA SER A 123 17.36 11.80 6.38
C SER A 123 17.15 10.39 5.83
N PHE A 124 18.24 9.74 5.43
CA PHE A 124 18.11 8.42 4.84
C PHE A 124 17.40 7.50 5.81
N THR A 125 17.52 7.79 7.10
CA THR A 125 17.18 6.79 8.10
C THR A 125 15.74 6.30 7.95
N GLY A 130 11.67 5.72 10.17
CA GLY A 130 10.93 6.34 9.08
C GLY A 130 11.72 6.31 7.76
N SER A 131 11.23 6.97 6.72
CA SER A 131 11.30 6.35 5.44
C SER A 131 10.73 4.96 5.79
N ASN A 132 9.81 4.93 6.79
CA ASN A 132 9.03 3.72 7.22
C ASN A 132 8.08 3.46 6.08
N LYS A 133 7.62 4.60 5.56
CA LYS A 133 7.65 4.94 4.15
C LYS A 133 7.96 3.76 3.26
N LEU A 134 9.23 3.50 3.02
CA LEU A 134 9.60 2.57 1.99
C LEU A 134 10.48 1.49 2.57
N GLN A 135 10.24 0.23 2.23
CA GLN A 135 8.91 -0.31 2.02
C GLN A 135 8.03 0.32 0.94
N THR A 136 7.04 1.09 1.36
CA THR A 136 5.93 1.50 0.52
C THR A 136 6.38 1.92 -0.84
N ILE A 137 7.31 2.87 -0.84
CA ILE A 137 7.78 3.41 -2.08
C ILE A 137 8.34 2.26 -2.89
N VAL A 138 9.19 1.46 -2.27
CA VAL A 138 9.85 0.36 -2.98
C VAL A 138 8.85 -0.68 -3.48
N GLN A 139 7.91 -1.05 -2.61
CA GLN A 139 7.04 -2.18 -2.92
C GLN A 139 6.10 -1.85 -4.08
N GLU A 140 5.67 -0.59 -4.17
CA GLU A 140 4.83 -0.14 -5.30
C GLU A 140 5.57 -0.03 -6.64
N ALA A 141 6.88 0.17 -6.61
CA ALA A 141 7.69 0.14 -7.83
C ALA A 141 8.03 -1.31 -8.20
N ALA A 142 8.22 -2.13 -7.18
CA ALA A 142 8.45 -3.55 -7.38
C ALA A 142 7.23 -4.21 -8.04
N ASP A 143 6.04 -3.78 -7.62
CA ASP A 143 4.82 -4.25 -8.27
C ASP A 143 4.79 -3.79 -9.73
N SER A 144 5.02 -2.50 -9.98
CA SER A 144 5.16 -1.97 -11.34
C SER A 144 6.09 -2.86 -12.15
N LEU A 145 7.33 -2.97 -11.68
CA LEU A 145 8.36 -3.77 -12.36
C LEU A 145 7.87 -5.15 -12.59
N CYS A 146 7.42 -5.77 -11.50
CA CYS A 146 7.06 -7.17 -11.50
C CYS A 146 5.85 -7.35 -12.46
N GLU A 147 4.91 -6.40 -12.46
CA GLU A 147 3.76 -6.47 -13.38
C GLU A 147 4.07 -6.15 -14.84
N GLU A 148 5.25 -5.61 -15.13
CA GLU A 148 5.72 -5.44 -16.51
C GLU A 148 6.45 -6.67 -17.00
N LEU A 149 7.00 -7.46 -16.07
CA LEU A 149 7.78 -8.64 -16.43
C LEU A 149 6.89 -9.75 -16.94
N GLN A 150 5.76 -9.95 -16.27
CA GLN A 150 4.78 -10.95 -16.72
C GLN A 150 4.21 -10.59 -18.08
N ALA A 151 4.11 -9.29 -18.37
CA ALA A 151 3.72 -8.82 -19.70
C ALA A 151 4.75 -9.17 -20.78
N CYS A 152 5.87 -9.77 -20.40
CA CYS A 152 6.89 -10.20 -21.34
C CYS A 152 7.13 -11.68 -21.11
N ARG A 153 6.07 -12.39 -20.74
CA ARG A 153 6.24 -13.76 -20.30
C ARG A 153 6.91 -14.51 -21.41
N GLY A 154 7.79 -15.43 -21.04
CA GLY A 154 8.39 -16.31 -22.00
C GLY A 154 9.00 -15.49 -23.10
N GLN A 155 9.42 -14.29 -22.75
CA GLN A 155 10.08 -13.43 -23.70
C GLN A 155 11.48 -13.41 -23.24
N SER A 156 12.40 -13.68 -24.15
CA SER A 156 13.79 -13.51 -23.82
C SER A 156 13.98 -12.04 -23.92
N SER A 157 13.50 -11.35 -22.90
CA SER A 157 13.69 -9.91 -22.78
C SER A 157 15.17 -9.58 -22.59
N ASP A 158 15.47 -8.32 -22.37
CA ASP A 158 16.81 -7.85 -22.02
C ASP A 158 16.63 -6.84 -20.91
N LEU A 159 16.68 -7.33 -19.68
CA LEU A 159 16.17 -6.56 -18.57
C LEU A 159 17.25 -5.58 -18.18
N SER A 160 16.91 -4.30 -18.19
CA SER A 160 17.89 -3.22 -18.03
C SER A 160 17.20 -1.88 -18.21
N VAL A 161 16.50 -1.75 -19.33
CA VAL A 161 15.57 -0.65 -19.49
C VAL A 161 14.53 -0.78 -18.38
N VAL A 162 14.02 -1.99 -18.17
CA VAL A 162 13.01 -2.22 -17.12
C VAL A 162 13.52 -1.90 -15.73
N LEU A 163 14.78 -2.23 -15.47
CA LEU A 163 15.30 -2.02 -14.12
C LEU A 163 15.67 -0.58 -13.93
N MET A 164 16.20 0.05 -14.97
CA MET A 164 16.48 1.48 -14.91
C MET A 164 15.25 2.28 -14.52
N ARG A 165 14.12 1.98 -15.17
CA ARG A 165 12.86 2.66 -14.88
C ARG A 165 12.39 2.39 -13.45
N ALA A 166 12.54 1.15 -12.99
CA ALA A 166 12.15 0.77 -11.62
C ALA A 166 12.92 1.57 -10.58
N VAL A 167 14.24 1.48 -10.63
CA VAL A 167 15.05 2.16 -9.63
C VAL A 167 14.93 3.67 -9.74
N THR A 168 14.81 4.21 -10.96
CA THR A 168 14.62 5.66 -11.12
C THR A 168 13.30 6.12 -10.49
N ASN A 169 12.29 5.27 -10.54
CA ASN A 169 11.03 5.59 -9.89
C ASN A 169 11.23 5.70 -8.40
N VAL A 170 11.83 4.68 -7.82
CA VAL A 170 12.09 4.72 -6.39
C VAL A 170 12.80 6.02 -6.01
N ILE A 171 13.77 6.43 -6.83
CA ILE A 171 14.62 7.56 -6.45
C ILE A 171 14.00 8.94 -6.74
N CYS A 172 13.46 9.21 -7.96
CA CYS A 172 12.94 10.58 -8.22
C CYS A 172 11.84 10.67 -7.12
N ARG A 173 11.10 9.59 -6.88
CA ARG A 173 10.08 9.56 -5.80
C ARG A 173 10.59 9.89 -4.40
N LEU A 174 11.62 9.20 -3.95
CA LEU A 174 12.14 9.36 -2.57
C LEU A 174 12.89 10.66 -2.37
N VAL A 175 13.12 11.40 -3.46
CA VAL A 175 13.86 12.64 -3.41
C VAL A 175 12.96 13.85 -3.74
N PHE A 176 12.13 13.74 -4.79
CA PHE A 176 11.17 14.82 -5.14
C PHE A 176 9.69 14.40 -5.12
N SER A 177 9.43 13.15 -4.74
CA SER A 177 8.08 12.60 -4.81
C SER A 177 7.53 12.66 -6.22
N SER A 178 8.43 12.57 -7.20
CA SER A 178 8.11 12.55 -8.61
C SER A 178 7.76 11.12 -9.07
N SER A 179 7.17 11.02 -10.25
CA SER A 179 6.79 9.73 -10.83
C SER A 179 7.65 9.42 -12.04
N SER A 183 6.11 3.87 -18.74
CA SER A 183 5.00 4.82 -18.61
C SER A 183 5.47 6.24 -18.96
N ASP A 184 4.76 7.26 -18.48
CA ASP A 184 5.22 8.65 -18.59
C ASP A 184 5.51 9.04 -20.08
N PRO A 185 6.54 9.83 -20.44
CA PRO A 185 7.44 10.58 -19.58
C PRO A 185 8.08 11.80 -20.23
N GLU A 186 8.53 12.72 -19.39
CA GLU A 186 9.64 13.61 -19.76
C GLU A 186 10.86 12.73 -19.96
N LEU A 187 11.08 11.87 -18.97
CA LEU A 187 12.18 10.91 -18.88
C LEU A 187 11.75 9.70 -19.70
N GLN A 188 12.15 9.53 -20.95
CA GLN A 188 13.51 9.61 -21.50
C GLN A 188 14.47 10.64 -20.93
N THR A 189 14.05 11.89 -20.92
CA THR A 189 14.88 13.02 -20.51
C THR A 189 15.89 12.71 -19.38
N VAL A 190 15.41 12.19 -18.25
CA VAL A 190 16.28 11.85 -17.12
C VAL A 190 17.24 10.77 -17.54
N ILE A 191 16.67 9.68 -18.06
CA ILE A 191 17.44 8.55 -18.54
C ILE A 191 18.35 9.05 -19.66
N GLN A 192 17.81 9.96 -20.47
CA GLN A 192 18.55 10.47 -21.59
C GLN A 192 19.73 11.26 -21.12
N TYR A 193 19.52 12.15 -20.15
CA TYR A 193 20.62 12.98 -19.62
C TYR A 193 21.56 12.19 -18.72
N ASN A 194 21.05 11.16 -18.02
CA ASN A 194 21.89 10.26 -17.22
C ASN A 194 22.83 9.49 -18.12
N ASP A 195 22.27 8.87 -19.16
CA ASP A 195 23.06 8.10 -20.12
C ASP A 195 24.08 8.99 -20.86
N GLY A 196 23.72 10.25 -21.12
CA GLY A 196 24.64 11.20 -21.75
C GLY A 196 25.86 11.49 -20.88
N ILE A 197 25.62 11.78 -19.60
CA ILE A 197 26.68 12.02 -18.63
C ILE A 197 27.58 10.80 -18.44
N VAL A 198 26.96 9.64 -18.20
CA VAL A 198 27.72 8.39 -18.02
C VAL A 198 28.61 8.11 -19.23
N GLN A 199 28.02 8.24 -20.43
CA GLN A 199 28.73 7.96 -21.70
C GLN A 199 29.84 8.94 -21.96
N THR A 200 29.56 10.22 -21.77
CA THR A 200 30.58 11.24 -21.89
C THR A 200 31.79 10.88 -21.03
N ILE A 201 31.55 10.45 -19.79
CA ILE A 201 32.65 10.11 -18.88
C ILE A 201 33.30 8.79 -19.31
N ALA A 202 32.47 7.85 -19.74
CA ALA A 202 32.96 6.56 -20.21
C ALA A 202 34.06 6.68 -21.28
N ARG A 203 33.84 7.54 -22.27
CA ARG A 203 34.84 7.79 -23.31
C ARG A 203 35.60 9.03 -22.90
N LEU A 221 34.98 17.96 -21.28
CA LEU A 221 33.90 18.19 -22.23
C LEU A 221 33.11 19.44 -21.78
N LYS A 222 32.65 20.33 -22.66
CA LYS A 222 32.22 20.09 -24.05
C LYS A 222 30.85 19.39 -23.92
N ARG A 223 30.68 18.18 -24.46
CA ARG A 223 29.38 17.45 -24.39
C ARG A 223 28.79 17.31 -22.97
N LEU A 224 29.66 17.17 -21.97
CA LEU A 224 29.28 16.96 -20.57
C LEU A 224 28.55 18.15 -19.92
N LYS A 225 29.11 19.35 -20.03
CA LYS A 225 28.52 20.55 -19.38
C LYS A 225 27.04 20.68 -19.68
N GLU A 226 26.74 20.62 -20.97
CA GLU A 226 25.38 20.77 -21.46
C GLU A 226 24.47 19.73 -20.83
N CYS A 227 24.97 18.51 -20.74
CA CYS A 227 24.24 17.42 -20.12
C CYS A 227 23.98 17.70 -18.63
N VAL A 228 24.98 18.18 -17.90
CA VAL A 228 24.80 18.54 -16.49
C VAL A 228 23.81 19.67 -16.40
N SER A 229 23.94 20.62 -17.32
CA SER A 229 23.09 21.79 -17.34
C SER A 229 21.60 21.44 -17.48
N ILE A 230 21.31 20.44 -18.32
CA ILE A 230 19.95 19.87 -18.43
C ILE A 230 19.47 19.46 -17.05
N ARG A 231 20.29 18.65 -16.39
CA ARG A 231 19.97 18.09 -15.09
C ARG A 231 19.81 19.21 -14.06
N ASP A 232 20.68 20.21 -14.10
CA ASP A 232 20.67 21.28 -13.10
C ASP A 232 19.42 22.16 -13.17
N GLN A 233 19.01 22.53 -14.38
CA GLN A 233 17.79 23.34 -14.60
C GLN A 233 16.54 22.58 -14.22
N LEU A 234 16.44 21.36 -14.72
CA LEU A 234 15.33 20.46 -14.38
C LEU A 234 15.20 20.28 -12.88
N LEU A 235 16.33 20.03 -12.22
CA LEU A 235 16.31 19.79 -10.79
C LEU A 235 16.01 21.08 -10.06
N TYR A 236 16.53 22.19 -10.57
CA TYR A 236 16.30 23.49 -9.94
C TYR A 236 14.83 23.82 -9.89
N LYS A 237 14.09 23.42 -10.93
CA LYS A 237 12.65 23.67 -10.99
C LYS A 237 11.93 22.89 -9.89
N LYS A 238 12.32 21.65 -9.67
CA LYS A 238 11.67 20.88 -8.62
C LYS A 238 12.14 21.32 -7.22
N LEU A 239 13.38 21.82 -7.14
CA LEU A 239 13.89 22.43 -5.91
C LEU A 239 13.06 23.67 -5.54
N LEU A 240 12.74 24.50 -6.54
CA LEU A 240 12.00 25.76 -6.36
C LEU A 240 10.58 25.49 -5.86
N GLU A 241 9.94 24.50 -6.50
CA GLU A 241 8.58 24.09 -6.16
C GLU A 241 8.48 23.53 -4.74
N HIS A 242 9.53 22.89 -4.26
CA HIS A 242 9.50 22.25 -2.93
C HIS A 242 9.57 23.28 -1.79
N THR A 247 6.51 21.43 5.25
CA THR A 247 6.03 20.94 6.55
C THR A 247 7.16 20.28 7.36
N PRO A 248 7.85 21.07 8.21
CA PRO A 248 8.95 20.57 9.06
C PRO A 248 8.56 19.42 10.00
N GLY A 249 7.26 19.26 10.28
CA GLY A 249 6.78 18.14 11.09
C GLY A 249 6.95 16.80 10.41
N GLU A 250 6.31 16.63 9.26
CA GLU A 250 6.28 15.34 8.55
C GLU A 250 6.85 15.49 7.13
N PRO A 251 8.17 15.29 6.96
CA PRO A 251 8.75 15.32 5.63
C PRO A 251 8.26 14.21 4.69
N ARG A 252 8.07 14.58 3.43
CA ARG A 252 7.60 13.67 2.36
C ARG A 252 8.75 13.27 1.43
N ASP A 253 9.81 14.08 1.40
CA ASP A 253 10.89 13.97 0.43
C ASP A 253 12.25 14.12 1.09
N LEU A 254 13.27 13.57 0.44
CA LEU A 254 14.63 13.84 0.85
C LEU A 254 15.00 15.29 0.57
N LEU A 255 14.40 15.89 -0.46
CA LEU A 255 14.60 17.31 -0.76
C LEU A 255 13.95 18.19 0.30
N ASP A 256 12.76 17.80 0.76
CA ASP A 256 12.10 18.46 1.90
C ASP A 256 13.07 18.53 3.09
N ALA A 257 13.53 17.36 3.51
CA ALA A 257 14.49 17.24 4.62
C ALA A 257 15.69 18.17 4.45
N LEU A 258 16.22 18.25 3.23
CA LEU A 258 17.41 19.05 2.96
C LEU A 258 17.12 20.55 3.02
N LEU A 259 15.94 20.96 2.57
CA LEU A 259 15.56 22.37 2.68
C LEU A 259 15.24 22.79 4.13
N ILE A 260 14.60 21.89 4.89
CA ILE A 260 14.39 22.06 6.34
C ILE A 260 15.70 22.35 7.08
N GLY A 261 16.71 21.52 6.83
CA GLY A 261 18.00 21.66 7.49
C GLY A 261 18.79 22.88 7.03
N GLN A 262 18.66 23.19 5.74
CA GLN A 262 19.30 24.38 5.18
C GLN A 262 18.63 25.63 5.74
N GLN A 263 17.30 25.59 5.76
CA GLN A 263 16.50 26.64 6.37
C GLN A 263 17.06 26.96 7.73
N ARG A 264 17.15 25.93 8.56
CA ARG A 264 17.49 26.06 9.95
C ARG A 264 18.80 26.81 10.15
N GLY A 265 19.87 26.25 9.60
CA GLY A 265 21.19 26.80 9.85
C GLY A 265 21.24 28.30 9.59
N SER A 266 21.82 29.04 10.55
CA SER A 266 22.20 30.44 10.31
C SER A 266 23.37 30.53 9.33
N GLY A 267 24.15 29.45 9.25
CA GLY A 267 25.23 29.35 8.29
C GLY A 267 24.72 29.56 6.87
N GLY A 268 25.56 30.06 5.96
CA GLY A 268 27.01 30.14 6.15
C GLY A 268 27.52 31.05 7.26
N ALA A 269 28.81 30.96 7.57
CA ALA A 269 29.82 30.28 6.71
C ALA A 269 29.69 28.75 6.59
N ASP A 270 29.42 28.06 7.69
CA ASP A 270 29.46 26.59 7.72
C ASP A 270 28.17 25.89 7.29
N ASP A 271 26.99 26.44 7.58
CA ASP A 271 25.77 25.78 7.11
C ASP A 271 25.71 25.86 5.59
N ILE A 272 25.08 24.85 5.00
CA ILE A 272 25.02 24.68 3.55
C ILE A 272 24.14 25.71 2.84
N THR A 273 24.65 26.30 1.77
CA THR A 273 23.78 26.98 0.82
C THR A 273 22.83 25.95 0.24
N GLU A 274 21.81 26.42 -0.45
CA GLU A 274 20.85 25.51 -1.07
C GLU A 274 21.43 24.78 -2.27
N ASP A 275 22.37 25.41 -2.99
CA ASP A 275 23.08 24.73 -4.08
C ASP A 275 23.46 23.31 -3.65
N HIS A 276 24.04 23.22 -2.46
CA HIS A 276 24.42 21.93 -1.90
C HIS A 276 23.21 21.00 -1.87
N VAL A 277 22.03 21.57 -1.70
CA VAL A 277 20.80 20.78 -1.75
C VAL A 277 20.57 20.22 -3.16
N LEU A 278 20.72 21.11 -4.14
CA LEU A 278 20.51 20.78 -5.54
C LEU A 278 21.48 19.70 -5.92
N MET A 279 22.74 19.91 -5.52
CA MET A 279 23.79 18.93 -5.78
C MET A 279 23.62 17.62 -5.04
N THR A 280 23.21 17.66 -3.78
CA THR A 280 22.97 16.44 -3.04
C THR A 280 21.82 15.69 -3.67
N ALA A 281 20.80 16.41 -4.10
CA ALA A 281 19.64 15.76 -4.74
C ALA A 281 20.04 15.20 -6.09
N ALA A 282 20.90 15.92 -6.79
CA ALA A 282 21.42 15.47 -8.07
C ALA A 282 22.29 14.19 -7.94
N GLU A 283 23.05 14.11 -6.85
CA GLU A 283 23.95 13.00 -6.55
C GLU A 283 23.25 11.75 -6.08
N ALA A 284 22.20 11.96 -5.30
CA ALA A 284 21.41 10.86 -4.80
C ALA A 284 20.77 10.13 -5.98
N PHE A 285 20.44 10.85 -7.06
CA PHE A 285 20.04 10.22 -8.34
C PHE A 285 21.09 9.33 -8.92
N GLY A 286 22.23 9.95 -9.20
CA GLY A 286 23.32 9.28 -9.84
C GLY A 286 23.57 8.02 -9.08
N ALA A 287 23.80 8.17 -7.78
CA ALA A 287 24.17 7.08 -6.89
C ALA A 287 23.07 6.06 -6.71
N GLY A 288 21.88 6.52 -6.49
CA GLY A 288 20.75 5.63 -6.28
C GLY A 288 20.40 4.74 -7.44
N VAL A 289 20.56 5.26 -8.66
CA VAL A 289 20.13 4.56 -9.88
C VAL A 289 21.24 3.69 -10.47
N GLU A 290 22.45 4.21 -10.46
CA GLU A 290 23.55 3.58 -11.16
C GLU A 290 24.10 2.42 -10.33
N THR A 291 24.34 2.61 -9.03
CA THR A 291 24.73 1.48 -8.14
C THR A 291 23.74 0.32 -8.05
N THR A 292 22.45 0.67 -7.96
CA THR A 292 21.42 -0.33 -7.66
C THR A 292 21.02 -1.10 -8.90
N SER A 293 20.80 -0.39 -10.02
CA SER A 293 20.64 -1.01 -11.35
C SER A 293 21.68 -2.06 -11.60
N THR A 294 22.92 -1.70 -11.31
CA THR A 294 24.03 -2.57 -11.62
C THR A 294 24.00 -3.80 -10.75
N THR A 295 23.72 -3.59 -9.48
CA THR A 295 23.70 -4.68 -8.53
C THR A 295 22.56 -5.68 -8.86
N LEU A 296 21.45 -5.16 -9.40
CA LEU A 296 20.36 -6.01 -9.85
C LEU A 296 20.77 -6.73 -11.11
N LEU A 297 21.39 -6.02 -12.04
CA LEU A 297 21.84 -6.69 -13.24
C LEU A 297 22.85 -7.77 -12.91
N TRP A 298 23.81 -7.48 -12.03
CA TRP A 298 24.82 -8.48 -11.62
C TRP A 298 24.17 -9.66 -10.90
N THR A 299 23.26 -9.36 -9.98
CA THR A 299 22.62 -10.42 -9.23
C THR A 299 22.02 -11.42 -10.19
N ILE A 300 21.20 -10.95 -11.11
CA ILE A 300 20.46 -11.84 -11.99
C ILE A 300 21.43 -12.55 -12.95
N ALA A 301 22.49 -11.86 -13.39
CA ALA A 301 23.51 -12.48 -14.24
C ALA A 301 24.10 -13.72 -13.60
N PHE A 302 24.35 -13.63 -12.29
CA PHE A 302 24.96 -14.72 -11.54
C PHE A 302 23.99 -15.84 -11.30
N LEU A 303 22.72 -15.51 -11.11
CA LEU A 303 21.68 -16.53 -10.88
C LEU A 303 21.33 -17.29 -12.14
N LEU A 304 21.90 -16.88 -13.26
CA LEU A 304 21.73 -17.58 -14.51
C LEU A 304 22.80 -18.66 -14.70
N HIS A 305 24.02 -18.40 -14.24
CA HIS A 305 25.12 -19.40 -14.29
C HIS A 305 24.93 -20.41 -13.18
N HIS A 306 24.10 -20.07 -12.20
CA HIS A 306 23.84 -20.91 -11.03
C HIS A 306 22.35 -21.09 -10.77
N PRO A 307 21.67 -21.85 -11.66
CA PRO A 307 20.23 -22.09 -11.49
C PRO A 307 19.89 -22.79 -10.17
N GLN A 308 20.70 -23.76 -9.76
CA GLN A 308 20.41 -24.49 -8.53
C GLN A 308 20.19 -23.49 -7.37
N LEU A 309 21.05 -22.49 -7.27
CA LEU A 309 20.98 -21.50 -6.19
C LEU A 309 19.73 -20.60 -6.29
N GLN A 310 19.31 -20.32 -7.52
CA GLN A 310 18.06 -19.60 -7.77
C GLN A 310 16.87 -20.31 -7.11
N GLU A 311 16.85 -21.64 -7.22
CA GLU A 311 15.81 -22.49 -6.61
C GLU A 311 15.81 -22.41 -5.08
N ARG A 312 16.99 -22.55 -4.49
CA ARG A 312 17.14 -22.51 -3.03
C ARG A 312 16.61 -21.21 -2.41
N VAL A 313 16.93 -20.08 -3.03
CA VAL A 313 16.50 -18.77 -2.51
C VAL A 313 14.98 -18.68 -2.60
N GLN A 314 14.44 -19.13 -3.74
CA GLN A 314 12.98 -19.26 -3.93
C GLN A 314 12.41 -20.18 -2.87
N ALA A 315 13.06 -21.31 -2.64
CA ALA A 315 12.66 -22.25 -1.57
C ALA A 315 12.73 -21.59 -0.19
N GLU A 316 13.73 -20.77 0.06
CA GLU A 316 13.81 -20.03 1.33
C GLU A 316 12.67 -19.01 1.46
N LEU A 317 12.38 -18.32 0.36
CA LEU A 317 11.30 -17.33 0.30
C LEU A 317 9.92 -17.97 0.55
N ASP A 318 9.69 -19.13 -0.09
CA ASP A 318 8.47 -19.93 0.05
C ASP A 318 8.23 -20.24 1.52
N GLU A 319 9.27 -20.75 2.17
CA GLU A 319 9.15 -21.31 3.50
C GLU A 319 8.89 -20.31 4.60
N CYS A 320 9.28 -19.04 4.42
CA CYS A 320 9.13 -18.09 5.52
C CYS A 320 8.18 -16.93 5.21
N VAL A 321 8.13 -16.51 3.95
CA VAL A 321 7.08 -15.61 3.47
C VAL A 321 6.07 -16.47 2.72
N GLY A 322 4.84 -15.99 2.55
CA GLY A 322 3.86 -16.71 1.76
C GLY A 322 4.23 -16.78 0.29
N VAL A 323 3.22 -17.03 -0.55
CA VAL A 323 3.37 -17.00 -2.00
C VAL A 323 2.63 -15.75 -2.48
N ASP A 324 2.70 -14.70 -1.67
CA ASP A 324 1.72 -13.63 -1.74
C ASP A 324 2.23 -12.46 -0.92
N ARG A 325 2.29 -12.66 0.39
CA ARG A 325 2.71 -11.61 1.28
C ARG A 325 3.87 -10.94 0.56
N PRO A 326 3.73 -9.63 0.26
CA PRO A 326 4.91 -8.92 -0.20
C PRO A 326 5.97 -9.03 0.90
N PRO A 327 7.17 -9.54 0.57
CA PRO A 327 8.13 -9.68 1.66
C PRO A 327 8.39 -8.33 2.31
N CYS A 328 8.19 -8.28 3.62
CA CYS A 328 8.37 -7.06 4.39
C CYS A 328 9.84 -6.94 4.80
N LEU A 329 10.24 -5.77 5.29
CA LEU A 329 11.59 -5.58 5.83
C LEU A 329 11.78 -6.34 7.13
N SER A 330 10.69 -6.79 7.73
CA SER A 330 10.74 -7.57 8.96
C SER A 330 10.98 -9.07 8.72
N ASP A 331 11.12 -9.47 7.44
CA ASP A 331 11.41 -10.86 7.09
C ASP A 331 12.91 -11.14 6.92
N ARG A 332 13.75 -10.11 7.05
CA ARG A 332 15.18 -10.23 6.71
C ARG A 332 15.91 -11.21 7.61
N PRO A 333 15.71 -11.10 8.94
CA PRO A 333 16.39 -12.08 9.80
C PRO A 333 16.06 -13.54 9.44
N HIS A 334 14.88 -13.78 8.89
CA HIS A 334 14.45 -15.13 8.49
C HIS A 334 14.89 -15.56 7.07
N LEU A 335 15.62 -14.70 6.34
CA LEU A 335 16.01 -14.98 4.95
C LEU A 335 17.51 -14.74 4.73
N PRO A 336 18.34 -15.54 5.41
CA PRO A 336 19.78 -15.34 5.43
C PRO A 336 20.52 -15.76 4.14
N LEU A 337 19.95 -16.66 3.34
CA LEU A 337 20.61 -17.08 2.09
C LEU A 337 20.47 -15.97 1.03
N LEU A 338 19.34 -15.27 1.07
CA LEU A 338 19.10 -14.15 0.18
C LEU A 338 20.00 -13.01 0.53
N ASP A 339 20.14 -12.74 1.83
CA ASP A 339 21.02 -11.67 2.27
C ASP A 339 22.45 -12.02 1.92
N ALA A 340 22.76 -13.31 1.97
CA ALA A 340 24.10 -13.79 1.66
C ALA A 340 24.39 -13.67 0.17
N VAL A 341 23.35 -13.81 -0.66
CA VAL A 341 23.50 -13.64 -2.11
C VAL A 341 23.82 -12.18 -2.44
N LEU A 342 23.12 -11.25 -1.80
CA LEU A 342 23.39 -9.82 -2.00
C LEU A 342 24.81 -9.46 -1.55
N CYS A 343 25.30 -10.15 -0.54
CA CYS A 343 26.62 -9.87 -0.01
C CYS A 343 27.71 -10.49 -0.87
N GLU A 344 27.37 -11.59 -1.53
CA GLU A 344 28.24 -12.21 -2.50
C GLU A 344 28.33 -11.40 -3.79
N VAL A 345 27.21 -10.85 -4.24
CA VAL A 345 27.20 -10.00 -5.42
C VAL A 345 28.04 -8.75 -5.17
N MET A 346 27.86 -8.14 -3.99
CA MET A 346 28.68 -7.02 -3.57
C MET A 346 30.18 -7.35 -3.58
N ARG A 347 30.52 -8.58 -3.21
CA ARG A 347 31.91 -8.94 -3.03
C ARG A 347 32.62 -9.23 -4.35
N ILE A 348 31.98 -9.98 -5.20
CA ILE A 348 32.64 -10.57 -6.38
C ILE A 348 32.74 -9.58 -7.55
N ARG A 349 31.86 -8.58 -7.56
CA ARG A 349 31.95 -7.45 -8.48
C ARG A 349 31.73 -6.10 -7.76
N PRO A 350 32.77 -5.54 -7.14
CA PRO A 350 32.69 -4.22 -6.55
C PRO A 350 32.10 -3.21 -7.49
N VAL A 351 31.20 -2.37 -7.02
CA VAL A 351 30.65 -1.35 -7.88
C VAL A 351 31.74 -0.37 -8.23
N SER A 352 32.69 -0.19 -7.31
CA SER A 352 33.91 0.61 -7.52
C SER A 352 35.09 -0.21 -7.01
N PRO A 353 35.71 -1.01 -7.91
CA PRO A 353 36.86 -1.83 -7.60
C PRO A 353 38.02 -1.04 -7.08
N ILE A 354 38.00 0.27 -7.36
CA ILE A 354 38.89 1.24 -6.74
C ILE A 354 38.03 2.38 -6.27
N LEU A 355 38.14 2.74 -5.02
CA LEU A 355 37.22 3.74 -4.48
C LEU A 355 37.52 5.11 -5.03
N ILE A 356 36.68 6.07 -4.68
CA ILE A 356 36.95 7.45 -5.02
C ILE A 356 38.21 7.80 -4.27
N PRO A 357 39.19 8.41 -4.94
CA PRO A 357 40.45 8.68 -4.25
C PRO A 357 40.25 9.36 -2.90
N HIS A 358 40.95 8.87 -1.86
CA HIS A 358 41.03 9.54 -0.56
C HIS A 358 42.28 10.37 -0.55
N VAL A 359 42.19 11.59 -0.07
CA VAL A 359 43.34 12.48 -0.07
C VAL A 359 43.77 12.77 1.35
N ALA A 360 45.08 12.84 1.55
CA ALA A 360 45.64 13.02 2.87
C ALA A 360 45.50 14.48 3.30
N MET A 361 44.73 14.71 4.36
CA MET A 361 44.39 16.04 4.85
C MET A 361 45.52 16.70 5.64
N GLN A 362 46.46 15.88 6.11
CA GLN A 362 47.67 16.39 6.77
C GLN A 362 48.81 15.43 6.49
N ASP A 363 49.99 15.76 6.99
CA ASP A 363 51.11 14.81 6.97
C ASP A 363 50.72 13.64 7.88
N THR A 364 50.78 12.44 7.33
CA THR A 364 50.35 11.25 8.06
C THR A 364 51.31 10.10 7.72
N SER A 365 50.93 8.89 8.09
CA SER A 365 51.74 7.71 7.76
C SER A 365 50.85 6.57 7.29
N LEU A 366 51.48 5.55 6.73
CA LEU A 366 50.81 4.38 6.22
C LEU A 366 51.85 3.30 6.03
N GLY A 367 51.60 2.09 6.52
CA GLY A 367 52.64 1.08 6.60
C GLY A 367 53.55 1.58 7.69
N GLY A 368 54.82 1.83 7.38
CA GLY A 368 55.68 2.59 8.30
C GLY A 368 56.25 3.83 7.66
N HIS A 369 55.54 4.36 6.65
CA HIS A 369 56.07 5.37 5.74
C HIS A 369 55.30 6.64 5.85
N SER A 370 56.02 7.77 5.79
CA SER A 370 55.37 9.06 5.86
C SER A 370 54.64 9.30 4.55
N VAL A 371 53.48 9.91 4.66
CA VAL A 371 52.63 10.21 3.54
C VAL A 371 52.41 11.71 3.60
N PRO A 372 53.07 12.47 2.72
CA PRO A 372 52.93 13.92 2.73
C PRO A 372 51.49 14.34 2.56
N LYS A 373 51.12 15.48 3.14
CA LYS A 373 49.79 16.05 2.93
C LYS A 373 49.63 16.29 1.45
N GLY A 374 48.42 16.04 0.94
CA GLY A 374 48.10 16.22 -0.47
C GLY A 374 48.21 14.95 -1.28
N THR A 375 48.68 13.88 -0.65
CA THR A 375 48.83 12.61 -1.31
C THR A 375 47.49 11.93 -1.50
N ARG A 376 47.30 11.35 -2.68
CA ARG A 376 46.08 10.63 -2.99
C ARG A 376 46.30 9.16 -2.71
N VAL A 377 45.24 8.48 -2.33
CA VAL A 377 45.30 7.09 -1.92
C VAL A 377 44.16 6.38 -2.61
N LEU A 378 44.47 5.53 -3.59
CA LEU A 378 43.44 4.69 -4.21
C LEU A 378 43.24 3.33 -3.50
N VAL A 379 42.07 3.14 -2.88
CA VAL A 379 41.75 1.86 -2.21
C VAL A 379 41.33 0.84 -3.24
N ASN A 380 42.04 -0.29 -3.27
CA ASN A 380 41.84 -1.28 -4.32
C ASN A 380 40.94 -2.33 -3.73
N MET A 381 39.64 -2.07 -3.85
CA MET A 381 38.65 -2.92 -3.20
C MET A 381 38.49 -4.27 -3.89
N TRP A 382 38.86 -4.34 -5.15
CA TRP A 382 38.86 -5.61 -5.83
C TRP A 382 39.85 -6.51 -5.13
N ALA A 383 41.03 -5.96 -4.83
CA ALA A 383 42.14 -6.76 -4.29
C ALA A 383 41.79 -7.39 -2.96
N ILE A 384 41.17 -6.60 -2.10
CA ILE A 384 40.87 -7.05 -0.77
C ILE A 384 39.70 -8.06 -0.73
N HIS A 385 38.80 -7.97 -1.72
CA HIS A 385 37.63 -8.84 -1.80
C HIS A 385 37.90 -10.08 -2.58
N HIS A 386 39.06 -10.13 -3.22
CA HIS A 386 39.45 -11.30 -3.99
C HIS A 386 40.72 -11.89 -3.51
N ASP A 387 41.13 -11.49 -2.32
CA ASP A 387 42.44 -11.89 -1.82
C ASP A 387 42.37 -13.34 -1.38
N PRO A 388 43.14 -14.25 -2.02
CA PRO A 388 43.08 -15.65 -1.59
C PRO A 388 43.55 -15.88 -0.15
N LYS A 389 44.22 -14.89 0.44
CA LYS A 389 44.67 -14.99 1.82
C LYS A 389 43.49 -14.89 2.81
N HIS A 390 42.40 -14.28 2.39
CA HIS A 390 41.26 -14.11 3.28
C HIS A 390 39.96 -14.69 2.75
N TRP A 391 40.01 -15.26 1.55
CA TRP A 391 38.85 -15.85 0.91
C TRP A 391 39.29 -17.14 0.27
N ASP A 392 38.37 -18.11 0.20
CA ASP A 392 38.65 -19.37 -0.46
C ASP A 392 37.96 -19.36 -1.82
N GLN A 393 38.74 -19.49 -2.89
CA GLN A 393 38.20 -19.44 -4.24
C GLN A 393 37.34 -18.20 -4.43
N PRO A 394 37.95 -17.02 -4.26
CA PRO A 394 37.24 -15.76 -4.43
C PRO A 394 36.75 -15.54 -5.87
N GLU A 395 37.44 -16.07 -6.86
CA GLU A 395 36.90 -16.13 -8.22
C GLU A 395 35.50 -16.76 -8.25
N GLN A 396 35.32 -17.84 -7.50
CA GLN A 396 34.11 -18.65 -7.52
C GLN A 396 32.96 -17.99 -6.72
N PHE A 397 31.73 -18.33 -7.09
CA PHE A 397 30.55 -17.67 -6.53
C PHE A 397 29.82 -18.53 -5.46
N ASN A 398 30.08 -18.25 -4.18
CA ASN A 398 29.45 -18.94 -3.04
C ASN A 398 28.84 -17.92 -2.09
N PRO A 399 27.51 -17.77 -2.10
CA PRO A 399 26.97 -16.99 -1.00
C PRO A 399 27.15 -17.75 0.34
N GLU A 400 27.37 -19.06 0.25
CA GLU A 400 27.64 -19.90 1.41
C GLU A 400 28.76 -19.37 2.30
N ARG A 401 29.83 -18.87 1.68
CA ARG A 401 30.98 -18.33 2.43
C ARG A 401 30.52 -17.31 3.50
N PHE A 402 29.34 -16.73 3.33
CA PHE A 402 28.73 -15.90 4.37
C PHE A 402 27.77 -16.60 5.29
N LEU A 403 27.58 -17.91 5.11
CA LEU A 403 26.71 -18.68 6.01
C LEU A 403 27.43 -19.03 7.32
N GLU A 404 26.98 -18.41 8.40
CA GLU A 404 27.41 -18.76 9.76
C GLU A 404 26.34 -18.28 10.75
N PRO A 405 26.52 -17.10 11.36
CA PRO A 405 25.49 -16.48 12.20
C PRO A 405 24.26 -16.21 11.36
N SER A 413 37.65 -11.24 7.76
CA SER A 413 38.49 -10.10 8.13
C SER A 413 38.35 -8.97 7.13
N SER A 414 38.49 -9.32 5.85
CA SER A 414 38.50 -8.35 4.78
C SER A 414 37.16 -8.29 4.06
N PHE A 415 36.27 -7.40 4.49
CA PHE A 415 35.02 -7.19 3.79
C PHE A 415 34.43 -5.83 4.16
N LEU A 416 34.49 -4.89 3.22
CA LEU A 416 34.00 -3.54 3.43
C LEU A 416 33.20 -3.05 2.21
N PRO A 417 32.06 -3.69 1.95
CA PRO A 417 31.34 -3.43 0.70
C PRO A 417 30.95 -1.97 0.54
N PHE A 418 30.73 -1.26 1.65
CA PHE A 418 30.39 0.16 1.62
C PHE A 418 31.52 1.06 2.10
N GLY A 419 32.70 0.48 2.25
CA GLY A 419 33.83 1.20 2.86
C GLY A 419 33.71 1.20 4.37
N ALA A 420 34.26 2.23 4.99
CA ALA A 420 34.25 2.36 6.45
C ALA A 420 34.69 3.77 6.79
N GLY A 421 34.53 4.13 8.06
CA GLY A 421 35.00 5.42 8.57
C GLY A 421 34.21 6.62 8.05
N PRO A 422 34.81 7.82 8.13
CA PRO A 422 34.04 9.03 7.83
C PRO A 422 33.53 9.19 6.39
N ARG A 423 34.11 8.48 5.41
CA ARG A 423 33.66 8.53 4.00
C ARG A 423 32.82 7.32 3.54
N VAL A 424 32.37 6.51 4.50
CA VAL A 424 31.54 5.34 4.22
C VAL A 424 30.32 5.75 3.39
N CYS A 425 29.82 4.81 2.59
CA CYS A 425 28.64 5.03 1.74
C CYS A 425 27.50 5.65 2.50
N VAL A 426 26.93 6.73 2.00
CA VAL A 426 25.81 7.35 2.68
C VAL A 426 24.51 6.65 2.34
N GLY A 427 24.46 5.92 1.22
CA GLY A 427 23.25 5.20 0.83
C GLY A 427 23.23 3.74 1.24
N GLU A 428 23.98 3.40 2.28
CA GLU A 428 24.20 2.01 2.65
C GLU A 428 22.91 1.42 3.18
N SER A 429 22.30 2.12 4.14
CA SER A 429 20.99 1.75 4.68
C SER A 429 20.00 1.53 3.54
N LEU A 430 19.93 2.53 2.67
CA LEU A 430 18.98 2.52 1.58
C LEU A 430 19.25 1.38 0.60
N ALA A 431 20.51 1.15 0.26
CA ALA A 431 20.86 0.12 -0.73
C ALA A 431 20.53 -1.28 -0.22
N ARG A 432 20.82 -1.53 1.05
CA ARG A 432 20.50 -2.81 1.67
C ARG A 432 19.00 -3.07 1.54
N ILE A 433 18.21 -2.11 2.04
CA ILE A 433 16.73 -2.17 2.00
C ILE A 433 16.18 -2.29 0.59
N GLU A 434 16.75 -1.54 -0.35
CA GLU A 434 16.18 -1.44 -1.70
C GLU A 434 16.50 -2.70 -2.48
N LEU A 435 17.65 -3.30 -2.18
CA LEU A 435 18.10 -4.50 -2.88
C LEU A 435 17.32 -5.71 -2.41
N PHE A 436 17.13 -5.80 -1.10
CA PHE A 436 16.30 -6.83 -0.50
C PHE A 436 14.90 -6.86 -1.10
N LEU A 437 14.21 -5.73 -1.03
CA LEU A 437 12.78 -5.69 -1.34
C LEU A 437 12.39 -5.99 -2.80
N PHE A 438 13.19 -5.62 -3.80
CA PHE A 438 12.91 -6.21 -5.13
C PHE A 438 14.00 -7.08 -5.69
N VAL A 439 14.60 -7.92 -4.86
CA VAL A 439 15.20 -9.17 -5.34
C VAL A 439 14.38 -10.32 -4.81
N SER A 440 13.93 -10.17 -3.57
CA SER A 440 12.96 -11.10 -3.00
C SER A 440 11.76 -11.17 -3.91
N ARG A 441 11.21 -10.03 -4.30
CA ARG A 441 10.01 -10.06 -5.13
C ARG A 441 10.16 -10.61 -6.56
N PRO A 442 11.17 -10.16 -7.33
CA PRO A 442 11.31 -10.86 -8.60
C PRO A 442 11.47 -12.35 -8.40
N LEU A 443 12.27 -12.76 -7.42
CA LEU A 443 12.44 -14.19 -7.18
C LEU A 443 11.19 -14.84 -6.60
N GLN A 444 10.32 -14.05 -5.95
CA GLN A 444 9.04 -14.57 -5.43
C GLN A 444 8.04 -14.92 -6.52
N ARG A 445 7.99 -14.08 -7.56
CA ARG A 445 6.96 -14.22 -8.59
C ARG A 445 7.49 -14.81 -9.89
N PHE A 446 8.82 -14.74 -10.10
CA PHE A 446 9.44 -15.06 -11.39
C PHE A 446 10.66 -15.97 -11.29
N SER A 447 11.07 -16.48 -12.44
CA SER A 447 12.23 -17.33 -12.55
C SER A 447 13.03 -16.96 -13.82
N PHE A 448 14.36 -16.86 -13.68
CA PHE A 448 15.21 -16.26 -14.72
C PHE A 448 16.14 -17.27 -15.37
N SER A 449 16.03 -17.47 -16.68
CA SER A 449 16.80 -18.51 -17.31
C SER A 449 17.57 -18.01 -18.51
N CYS A 450 18.68 -18.68 -18.80
CA CYS A 450 19.46 -18.38 -19.98
C CYS A 450 18.64 -18.89 -21.13
N PRO A 451 18.49 -18.08 -22.19
CA PRO A 451 17.69 -18.57 -23.30
C PRO A 451 18.40 -19.62 -24.11
N SER A 452 17.63 -20.25 -24.99
CA SER A 452 18.11 -21.30 -25.85
C SER A 452 19.14 -20.78 -26.85
N GLU A 453 18.88 -19.64 -27.45
CA GLU A 453 19.72 -19.17 -28.55
C GLU A 453 20.63 -17.97 -28.17
N ALA A 454 20.89 -17.86 -26.87
CA ALA A 454 21.82 -16.87 -26.33
C ALA A 454 22.87 -17.56 -25.45
N SER A 455 23.86 -16.79 -25.03
CA SER A 455 24.93 -17.32 -24.20
C SER A 455 24.48 -17.55 -22.78
N LEU A 456 25.48 -17.63 -21.94
CA LEU A 456 25.37 -17.16 -20.60
C LEU A 456 25.98 -15.77 -20.59
N PRO A 457 25.46 -14.90 -19.73
CA PRO A 457 25.96 -13.54 -19.62
C PRO A 457 27.46 -13.49 -19.42
N ASP A 458 28.08 -12.45 -19.95
CA ASP A 458 29.53 -12.25 -19.84
C ASP A 458 29.84 -11.65 -18.46
N LEU A 459 30.65 -12.38 -17.68
CA LEU A 459 30.93 -12.01 -16.29
C LEU A 459 32.10 -11.06 -16.12
N GLN A 460 32.74 -10.66 -17.21
CA GLN A 460 33.93 -9.87 -17.08
C GLN A 460 33.53 -8.46 -16.64
N GLY A 461 32.62 -7.85 -17.38
CA GLY A 461 32.09 -6.55 -16.99
C GLY A 461 33.06 -5.40 -17.25
N ARG A 462 32.51 -4.19 -17.23
CA ARG A 462 33.18 -3.01 -17.74
C ARG A 462 33.05 -1.88 -16.72
N PHE A 463 34.16 -1.19 -16.43
CA PHE A 463 34.19 -0.10 -15.44
C PHE A 463 34.11 1.29 -16.07
N GLY A 464 32.99 1.96 -15.81
CA GLY A 464 32.85 3.41 -15.91
C GLY A 464 31.35 3.67 -15.98
N VAL A 465 30.71 4.38 -15.05
CA VAL A 465 31.26 4.96 -13.81
C VAL A 465 31.18 4.04 -12.60
N VAL A 466 30.69 2.84 -12.85
CA VAL A 466 30.68 1.79 -11.89
C VAL A 466 31.02 0.50 -12.65
N LEU A 467 31.27 -0.60 -11.93
CA LEU A 467 31.59 -1.85 -12.61
C LEU A 467 30.26 -2.51 -12.96
N GLN A 468 29.92 -2.56 -14.24
CA GLN A 468 28.64 -3.12 -14.67
C GLN A 468 28.86 -4.23 -15.68
N PRO A 469 27.91 -5.15 -15.82
CA PRO A 469 28.05 -6.20 -16.84
C PRO A 469 27.63 -5.72 -18.22
N GLU A 470 28.12 -6.38 -19.26
CA GLU A 470 27.61 -6.15 -20.61
C GLU A 470 26.16 -6.56 -20.69
N ARG A 471 25.44 -6.01 -21.65
CA ARG A 471 24.05 -6.41 -21.88
C ARG A 471 23.93 -7.91 -21.92
N TYR A 472 22.93 -8.47 -21.26
CA TYR A 472 22.59 -9.86 -21.47
C TYR A 472 21.09 -10.04 -21.59
N THR A 473 20.71 -11.16 -22.20
CA THR A 473 19.33 -11.48 -22.46
C THR A 473 18.91 -12.57 -21.50
N VAL A 474 17.68 -12.48 -21.03
CA VAL A 474 17.17 -13.38 -20.00
C VAL A 474 15.69 -13.71 -20.25
N THR A 475 15.32 -14.97 -20.05
CA THR A 475 13.95 -15.42 -20.18
C THR A 475 13.30 -15.33 -18.81
N VAL A 476 12.17 -14.63 -18.73
CA VAL A 476 11.37 -14.56 -17.51
C VAL A 476 10.11 -15.40 -17.67
N THR A 477 9.74 -16.09 -16.61
CA THR A 477 8.50 -16.85 -16.56
C THR A 477 8.06 -16.83 -15.12
N PRO A 478 6.77 -16.53 -14.86
CA PRO A 478 6.35 -16.50 -13.46
C PRO A 478 6.14 -17.89 -12.84
N ARG A 479 5.79 -17.90 -11.56
CA ARG A 479 5.19 -19.08 -10.97
C ARG A 479 3.75 -19.00 -11.44
N HIS A 480 3.19 -20.10 -11.93
CA HIS A 480 1.86 -20.16 -12.54
C HIS A 480 1.65 -19.07 -13.59
N ASN B 38 -52.03 -9.10 9.48
CA ASN B 38 -50.56 -9.03 9.20
C ASN B 38 -50.24 -7.84 8.30
N LEU B 39 -49.59 -8.08 7.14
CA LEU B 39 -48.97 -7.02 6.33
C LEU B 39 -47.85 -6.39 7.13
N PRO B 40 -46.59 -6.43 6.64
CA PRO B 40 -45.45 -6.01 7.47
C PRO B 40 -45.53 -4.55 7.90
N PRO B 41 -44.96 -4.22 9.05
CA PRO B 41 -45.13 -2.85 9.50
C PRO B 41 -44.71 -1.79 8.48
N HIS B 42 -43.58 -1.96 7.80
CA HIS B 42 -43.18 -0.91 6.85
C HIS B 42 -44.24 -0.70 5.78
N LEU B 43 -44.82 -1.79 5.26
CA LEU B 43 -45.93 -1.70 4.31
C LEU B 43 -47.24 -1.17 4.91
N LEU B 44 -47.55 -1.62 6.12
CA LEU B 44 -48.79 -1.25 6.79
C LEU B 44 -48.83 0.24 6.97
N PHE B 45 -47.77 0.78 7.53
CA PHE B 45 -47.72 2.20 7.82
C PHE B 45 -47.67 3.02 6.55
N THR B 46 -47.06 2.49 5.49
CA THR B 46 -47.03 3.20 4.21
C THR B 46 -48.43 3.31 3.66
N GLN B 47 -49.14 2.19 3.69
CA GLN B 47 -50.46 2.06 3.08
C GLN B 47 -51.48 2.91 3.84
N LEU B 48 -51.39 2.88 5.17
CA LEU B 48 -52.19 3.75 6.02
C LEU B 48 -51.91 5.25 5.81
N SER B 49 -50.76 5.61 5.24
CA SER B 49 -50.36 7.03 5.13
C SER B 49 -51.12 7.80 4.08
N SER B 50 -51.59 7.10 3.07
CA SER B 50 -52.34 7.74 2.00
C SER B 50 -53.65 8.33 2.55
N GLN B 51 -54.33 7.58 3.42
CA GLN B 51 -55.67 7.94 3.89
C GLN B 51 -55.71 8.54 5.31
N TYR B 52 -54.76 8.19 6.16
CA TYR B 52 -54.55 8.87 7.44
C TYR B 52 -53.27 9.60 7.24
N GLY B 53 -52.83 10.39 8.21
CA GLY B 53 -51.62 11.20 7.98
C GLY B 53 -50.34 10.40 7.81
N PRO B 54 -49.23 11.09 7.57
CA PRO B 54 -47.91 10.44 7.55
C PRO B 54 -47.28 10.20 8.94
N LEU B 55 -48.07 10.29 10.02
CA LEU B 55 -47.54 10.31 11.38
C LEU B 55 -48.47 9.57 12.34
N PHE B 56 -47.91 8.62 13.06
CA PHE B 56 -48.69 7.65 13.79
C PHE B 56 -48.13 7.44 15.17
N GLY B 57 -49.00 7.40 16.17
CA GLY B 57 -48.59 7.19 17.56
C GLY B 57 -49.07 5.86 18.12
N LEU B 58 -48.12 5.05 18.58
CA LEU B 58 -48.40 3.74 19.17
C LEU B 58 -48.03 3.77 20.64
N TYR B 59 -48.85 3.12 21.47
CA TYR B 59 -48.67 3.20 22.91
C TYR B 59 -48.43 1.81 23.51
N ALA B 60 -47.23 1.57 24.01
CA ALA B 60 -46.94 0.36 24.79
C ALA B 60 -46.22 0.79 26.06
N GLY B 61 -47.00 1.23 27.04
CA GLY B 61 -46.42 1.81 28.25
C GLY B 61 -45.54 3.00 27.88
N PRO B 62 -44.28 3.02 28.36
CA PRO B 62 -43.51 4.23 28.17
C PRO B 62 -42.40 4.08 27.12
N HIS B 63 -42.33 4.96 26.14
CA HIS B 63 -43.23 6.07 26.00
C HIS B 63 -43.70 5.79 24.63
N LEU B 64 -44.68 6.55 24.21
CA LEU B 64 -44.99 6.77 22.83
C LEU B 64 -43.96 6.28 21.79
N THR B 65 -44.46 5.71 20.73
CA THR B 65 -43.66 5.38 19.59
C THR B 65 -44.29 6.09 18.43
N LEU B 66 -43.51 6.86 17.71
CA LEU B 66 -44.05 7.61 16.61
C LEU B 66 -43.59 6.89 15.36
N VAL B 67 -44.44 6.80 14.35
CA VAL B 67 -44.01 6.32 13.06
C VAL B 67 -44.05 7.48 12.07
N VAL B 68 -42.98 7.67 11.30
CA VAL B 68 -42.85 8.82 10.41
C VAL B 68 -42.68 8.40 8.95
N SER B 69 -43.61 8.75 8.06
CA SER B 69 -43.62 8.20 6.70
C SER B 69 -43.81 9.26 5.61
N GLU B 70 -43.22 10.44 5.77
CA GLU B 70 -43.28 11.47 4.74
C GLU B 70 -42.00 12.29 4.80
N ILE B 71 -41.43 12.56 3.64
CA ILE B 71 -40.09 13.14 3.56
C ILE B 71 -39.82 14.37 4.46
N GLY B 72 -40.77 15.29 4.52
CA GLY B 72 -40.58 16.51 5.29
C GLY B 72 -40.44 16.20 6.76
N LEU B 73 -41.29 15.33 7.25
CA LEU B 73 -41.20 14.90 8.64
C LEU B 73 -39.89 14.13 8.96
N VAL B 74 -39.38 13.29 8.07
CA VAL B 74 -38.15 12.53 8.41
C VAL B 74 -36.87 13.40 8.35
N ARG B 75 -36.89 14.44 7.51
CA ARG B 75 -35.81 15.43 7.50
C ARG B 75 -35.81 16.22 8.81
N GLU B 76 -37.00 16.42 9.35
CA GLU B 76 -37.13 17.14 10.61
C GLU B 76 -36.43 16.35 11.70
N VAL B 77 -36.58 15.03 11.65
CA VAL B 77 -36.08 14.12 12.68
C VAL B 77 -34.57 13.85 12.54
N LEU B 78 -34.10 13.71 11.30
CA LEU B 78 -32.71 13.41 11.04
C LEU B 78 -31.83 14.69 10.87
N LEU B 79 -32.27 15.70 10.11
CA LEU B 79 -31.46 16.94 9.97
C LEU B 79 -31.85 18.06 10.93
N GLN B 80 -33.03 18.64 10.69
CA GLN B 80 -33.43 19.91 11.28
C GLN B 80 -33.40 19.88 12.81
N ARG B 81 -33.87 18.80 13.41
CA ARG B 81 -33.75 18.63 14.84
C ARG B 81 -33.11 17.26 15.04
N GLY B 82 -32.05 17.01 14.29
CA GLY B 82 -31.32 15.76 14.35
C GLY B 82 -30.71 15.52 15.72
N ARG B 83 -30.31 16.59 16.38
CA ARG B 83 -29.56 16.47 17.61
C ARG B 83 -30.45 16.07 18.77
N GLU B 84 -31.71 16.52 18.75
CA GLU B 84 -32.66 16.21 19.81
C GLU B 84 -33.18 14.78 19.66
N PHE B 85 -33.21 14.28 18.42
CA PHE B 85 -33.69 12.94 18.15
C PHE B 85 -32.57 11.92 17.99
N ALA B 86 -31.41 12.19 18.59
CA ALA B 86 -30.20 11.39 18.31
C ALA B 86 -29.93 10.32 19.37
N GLY B 87 -30.89 10.13 20.27
CA GLY B 87 -30.84 9.03 21.24
C GLY B 87 -31.12 7.70 20.58
N ARG B 88 -30.72 6.62 21.23
CA ARG B 88 -31.09 5.24 20.87
C ARG B 88 -31.61 4.57 22.14
N PRO B 89 -32.61 3.70 22.02
CA PRO B 89 -33.18 3.23 23.26
C PRO B 89 -32.36 2.07 23.77
N LYS B 90 -32.27 1.92 25.09
CA LYS B 90 -31.53 0.83 25.70
C LYS B 90 -32.41 -0.42 25.76
N MET B 91 -32.25 -1.28 24.76
CA MET B 91 -32.91 -2.58 24.73
C MET B 91 -32.02 -3.59 25.46
N VAL B 92 -32.51 -4.81 25.57
CA VAL B 92 -31.82 -5.86 26.32
C VAL B 92 -30.91 -6.62 25.39
N THR B 93 -31.41 -6.84 24.16
CA THR B 93 -30.69 -7.57 23.14
C THR B 93 -29.51 -6.73 22.66
N THR B 94 -29.71 -5.43 22.51
CA THR B 94 -28.65 -4.54 22.03
C THR B 94 -27.54 -4.40 23.05
N ASP B 95 -27.87 -4.31 24.34
CA ASP B 95 -26.83 -4.29 25.38
C ASP B 95 -25.91 -5.49 25.23
N LEU B 96 -26.53 -6.66 25.16
CA LEU B 96 -25.81 -7.92 25.01
C LEU B 96 -24.86 -7.90 23.86
N LEU B 97 -25.43 -7.51 22.74
CA LEU B 97 -24.76 -7.52 21.46
C LEU B 97 -23.61 -6.53 21.42
N THR B 98 -23.65 -5.49 22.25
CA THR B 98 -22.65 -4.41 22.21
C THR B 98 -22.05 -4.06 23.59
N GLN B 99 -22.00 -5.03 24.52
CA GLN B 99 -21.37 -4.82 25.83
C GLN B 99 -21.95 -3.57 26.56
N GLY B 100 -23.25 -3.34 26.38
CA GLY B 100 -23.93 -2.22 27.00
C GLY B 100 -23.72 -0.92 26.25
N GLY B 101 -24.09 -0.90 24.99
CA GLY B 101 -24.03 0.33 24.23
C GLY B 101 -22.64 0.88 23.99
N LYS B 102 -21.64 0.02 24.08
CA LYS B 102 -20.28 0.47 23.75
C LYS B 102 -19.98 0.61 22.24
N ASP B 103 -20.97 0.48 21.35
CA ASP B 103 -20.75 0.57 19.89
C ASP B 103 -21.05 1.98 19.35
N ILE B 104 -21.37 2.07 18.06
CA ILE B 104 -21.91 3.29 17.49
C ILE B 104 -23.43 3.22 17.34
N ALA B 105 -23.93 2.19 16.67
CA ALA B 105 -25.35 2.11 16.24
C ALA B 105 -26.38 2.09 17.38
N PHE B 106 -26.06 1.44 18.48
CA PHE B 106 -27.06 1.22 19.52
C PHE B 106 -26.71 1.98 20.77
N ALA B 107 -25.87 3.00 20.60
CA ALA B 107 -25.40 3.79 21.72
C ALA B 107 -26.10 5.13 21.73
N ASP B 108 -26.34 5.68 22.91
CA ASP B 108 -26.92 7.01 23.07
C ASP B 108 -25.95 8.12 22.62
N TYR B 109 -26.49 9.16 22.00
CA TYR B 109 -25.73 10.39 21.71
C TYR B 109 -25.22 10.99 23.02
N SER B 110 -23.97 11.41 23.02
CA SER B 110 -23.28 11.87 24.21
C SER B 110 -21.91 12.34 23.76
N PRO B 111 -21.21 13.12 24.60
CA PRO B 111 -19.84 13.52 24.21
C PRO B 111 -18.89 12.32 24.02
N LEU B 112 -19.10 11.26 24.80
CA LEU B 112 -18.35 10.02 24.58
C LEU B 112 -18.59 9.50 23.19
N TRP B 113 -19.87 9.49 22.82
CA TRP B 113 -20.30 9.01 21.53
C TRP B 113 -19.73 9.85 20.42
N LYS B 114 -19.72 11.16 20.60
CA LYS B 114 -19.21 12.04 19.57
C LYS B 114 -17.73 11.81 19.35
N ASN B 115 -16.98 11.66 20.43
CA ASN B 115 -15.55 11.39 20.30
C ASN B 115 -15.32 10.04 19.71
N HIS B 116 -16.14 9.08 20.14
CA HIS B 116 -15.98 7.72 19.69
C HIS B 116 -16.26 7.61 18.20
N ARG B 117 -17.38 8.15 17.76
CA ARG B 117 -17.69 8.24 16.35
C ARG B 117 -16.71 9.29 15.96
N ARG B 118 -16.54 9.65 14.70
CA ARG B 118 -15.54 10.71 14.39
C ARG B 118 -14.15 10.11 14.45
N LEU B 119 -13.83 9.43 15.55
CA LEU B 119 -12.60 8.67 15.56
C LEU B 119 -12.70 7.64 14.48
N VAL B 120 -13.82 6.96 14.44
CA VAL B 120 -14.13 6.18 13.28
C VAL B 120 -14.71 7.27 12.43
N HIS B 121 -14.57 7.14 11.12
CA HIS B 121 -14.69 8.29 10.19
C HIS B 121 -13.33 8.96 10.16
N SER B 122 -12.90 9.51 11.28
CA SER B 122 -11.51 9.93 11.35
C SER B 122 -10.73 8.70 11.00
N SER B 123 -11.14 7.58 11.60
CA SER B 123 -10.63 6.28 11.22
C SER B 123 -11.11 5.98 9.83
N PHE B 124 -12.37 6.27 9.56
CA PHE B 124 -12.86 5.98 8.23
C PHE B 124 -12.24 6.96 7.26
N THR B 125 -12.50 6.79 5.98
CA THR B 125 -11.83 7.66 5.01
C THR B 125 -10.36 7.24 4.91
N LEU B 126 -9.53 7.68 5.86
CA LEU B 126 -8.09 7.49 5.77
C LEU B 126 -7.71 6.02 5.96
N LYS B 133 -5.57 2.44 -3.79
CA LYS B 133 -5.33 2.14 -2.39
C LYS B 133 -6.56 1.58 -1.69
N LEU B 134 -6.81 0.29 -1.87
CA LEU B 134 -7.81 -0.45 -1.06
C LEU B 134 -9.23 0.13 -0.90
N GLN B 135 -9.99 0.29 -1.97
CA GLN B 135 -9.58 0.05 -3.34
C GLN B 135 -9.04 -1.33 -3.58
N THR B 136 -7.73 -1.45 -3.63
CA THR B 136 -7.07 -2.61 -4.14
C THR B 136 -7.59 -3.82 -3.40
N ILE B 137 -7.69 -3.69 -2.10
CA ILE B 137 -8.27 -4.72 -1.29
C ILE B 137 -9.54 -5.26 -1.89
N VAL B 138 -10.47 -4.38 -2.17
CA VAL B 138 -11.73 -4.80 -2.73
C VAL B 138 -11.55 -5.52 -4.06
N GLN B 139 -10.60 -5.03 -4.85
CA GLN B 139 -10.32 -5.56 -6.18
C GLN B 139 -9.95 -7.03 -6.15
N GLU B 140 -8.97 -7.34 -5.32
CA GLU B 140 -8.57 -8.73 -5.18
C GLU B 140 -9.76 -9.61 -4.82
N ALA B 141 -10.55 -9.16 -3.85
CA ALA B 141 -11.72 -9.90 -3.45
C ALA B 141 -12.62 -10.11 -4.65
N ALA B 142 -12.77 -9.06 -5.43
CA ALA B 142 -13.61 -9.15 -6.62
C ALA B 142 -13.03 -10.18 -7.59
N ASP B 143 -11.70 -10.26 -7.68
CA ASP B 143 -11.04 -11.36 -8.41
C ASP B 143 -11.32 -12.70 -7.78
N SER B 144 -11.01 -12.87 -6.49
CA SER B 144 -11.28 -14.10 -5.75
C SER B 144 -12.71 -14.56 -6.00
N LEU B 145 -13.65 -13.64 -5.76
CA LEU B 145 -15.06 -13.89 -6.02
C LEU B 145 -15.24 -14.32 -7.44
N CYS B 146 -14.69 -13.49 -8.33
CA CYS B 146 -14.91 -13.65 -9.74
C CYS B 146 -14.18 -14.95 -10.20
N GLU B 147 -13.06 -15.29 -9.57
CA GLU B 147 -12.37 -16.56 -9.89
C GLU B 147 -13.00 -17.81 -9.29
N GLU B 148 -14.02 -17.67 -8.47
CA GLU B 148 -14.78 -18.84 -8.02
C GLU B 148 -16.15 -18.95 -8.68
N LEU B 149 -16.58 -17.88 -9.36
CA LEU B 149 -17.82 -17.91 -10.11
C LEU B 149 -17.71 -18.74 -11.38
N GLN B 150 -16.61 -18.57 -12.09
CA GLN B 150 -16.35 -19.42 -13.24
C GLN B 150 -16.23 -20.90 -12.85
N ALA B 151 -15.77 -21.16 -11.61
CA ALA B 151 -15.76 -22.54 -11.07
C ALA B 151 -17.16 -23.15 -10.87
N CYS B 152 -18.22 -22.44 -11.26
CA CYS B 152 -19.58 -22.99 -11.28
C CYS B 152 -20.19 -23.00 -12.71
N ARG B 153 -19.35 -22.88 -13.74
CA ARG B 153 -19.80 -22.95 -15.15
C ARG B 153 -20.55 -24.28 -15.39
N GLY B 154 -21.41 -24.34 -16.40
CA GLY B 154 -22.02 -25.63 -16.78
C GLY B 154 -22.98 -26.14 -15.70
N GLN B 155 -23.19 -25.31 -14.67
CA GLN B 155 -24.10 -25.52 -13.57
C GLN B 155 -24.91 -24.26 -13.46
N SER B 156 -26.13 -24.37 -12.96
CA SER B 156 -26.95 -23.20 -12.69
C SER B 156 -27.28 -23.20 -11.21
N SER B 157 -26.89 -22.13 -10.52
CA SER B 157 -26.66 -22.18 -9.08
C SER B 157 -27.27 -21.01 -8.32
N ASP B 158 -27.35 -21.16 -6.99
CA ASP B 158 -27.63 -20.04 -6.09
C ASP B 158 -26.32 -19.61 -5.42
N LEU B 159 -25.78 -18.49 -5.86
CA LEU B 159 -24.69 -17.81 -5.16
C LEU B 159 -25.32 -17.17 -3.94
N SER B 160 -24.50 -16.77 -2.98
CA SER B 160 -24.98 -16.21 -1.70
C SER B 160 -23.96 -16.59 -0.63
N VAL B 161 -23.71 -17.88 -0.51
CA VAL B 161 -22.54 -18.37 0.21
C VAL B 161 -21.28 -17.65 -0.26
N VAL B 162 -21.07 -17.63 -1.57
CA VAL B 162 -19.86 -17.03 -2.14
C VAL B 162 -19.80 -15.51 -2.01
N LEU B 163 -20.93 -14.83 -2.20
CA LEU B 163 -20.97 -13.41 -1.93
C LEU B 163 -20.71 -13.13 -0.45
N MET B 164 -21.29 -13.92 0.44
CA MET B 164 -21.08 -13.74 1.88
C MET B 164 -19.61 -13.94 2.18
N ARG B 165 -19.00 -14.90 1.50
CA ARG B 165 -17.60 -15.17 1.72
C ARG B 165 -16.73 -14.00 1.23
N ALA B 166 -17.10 -13.46 0.08
CA ALA B 166 -16.32 -12.41 -0.56
C ALA B 166 -16.29 -11.14 0.27
N VAL B 167 -17.45 -10.71 0.73
CA VAL B 167 -17.50 -9.48 1.52
C VAL B 167 -16.92 -9.68 2.92
N THR B 168 -16.96 -10.89 3.43
CA THR B 168 -16.37 -11.16 4.75
C THR B 168 -14.85 -11.08 4.66
N ASN B 169 -14.32 -11.43 3.51
CA ASN B 169 -12.92 -11.26 3.29
C ASN B 169 -12.61 -9.76 3.21
N VAL B 170 -13.39 -9.00 2.46
CA VAL B 170 -13.11 -7.58 2.38
C VAL B 170 -13.06 -6.97 3.81
N ILE B 171 -14.02 -7.34 4.65
CA ILE B 171 -14.12 -6.78 6.02
C ILE B 171 -13.03 -7.28 6.99
N CYS B 172 -12.92 -8.60 7.20
CA CYS B 172 -11.95 -9.12 8.23
C CYS B 172 -10.58 -8.59 7.74
N ARG B 173 -10.41 -8.40 6.42
CA ARG B 173 -9.17 -7.84 5.83
C ARG B 173 -8.97 -6.35 6.07
N LEU B 174 -9.96 -5.55 5.76
CA LEU B 174 -9.89 -4.12 5.99
C LEU B 174 -9.77 -3.76 7.49
N VAL B 175 -10.32 -4.62 8.35
CA VAL B 175 -10.40 -4.36 9.79
C VAL B 175 -9.24 -4.98 10.57
N PHE B 176 -8.84 -6.21 10.22
CA PHE B 176 -7.73 -6.90 10.90
C PHE B 176 -6.53 -7.27 10.00
N SER B 177 -6.48 -6.75 8.79
CA SER B 177 -5.46 -7.15 7.82
C SER B 177 -5.44 -8.66 7.63
N SER B 178 -6.59 -9.31 7.87
CA SER B 178 -6.66 -10.76 7.88
C SER B 178 -6.49 -11.34 6.50
N SER B 179 -5.95 -12.55 6.46
CA SER B 179 -5.44 -13.17 5.24
C SER B 179 -6.26 -14.41 4.84
N TYR B 180 -7.55 -14.44 5.18
CA TYR B 180 -8.29 -15.70 5.06
C TYR B 180 -8.27 -16.28 3.64
N GLN B 181 -8.07 -17.58 3.60
CA GLN B 181 -8.25 -18.44 2.44
C GLN B 181 -9.70 -18.91 2.42
N PRO B 182 -10.22 -19.32 1.25
CA PRO B 182 -11.60 -19.82 1.29
C PRO B 182 -11.74 -21.14 2.05
N SER B 183 -10.63 -21.70 2.53
CA SER B 183 -10.62 -23.01 3.18
C SER B 183 -10.98 -23.00 4.67
N ASP B 184 -11.40 -21.85 5.20
CA ASP B 184 -11.47 -21.63 6.64
C ASP B 184 -10.11 -21.82 7.31
N PRO B 185 -9.16 -20.91 7.03
CA PRO B 185 -8.11 -20.82 8.04
C PRO B 185 -8.75 -20.59 9.43
N GLU B 186 -9.90 -19.92 9.39
CA GLU B 186 -10.67 -19.47 10.56
C GLU B 186 -11.87 -18.59 10.10
N LEU B 187 -12.02 -18.48 8.78
CA LEU B 187 -13.06 -17.68 8.12
C LEU B 187 -14.47 -18.24 8.27
N GLN B 188 -14.63 -19.57 8.22
CA GLN B 188 -15.95 -20.19 8.33
C GLN B 188 -16.50 -20.21 9.76
N THR B 189 -15.63 -20.01 10.75
CA THR B 189 -16.08 -19.85 12.12
C THR B 189 -16.83 -18.54 12.29
N VAL B 190 -16.37 -17.51 11.57
CA VAL B 190 -16.98 -16.19 11.64
C VAL B 190 -18.32 -16.17 10.92
N ILE B 191 -18.35 -16.67 9.69
CA ILE B 191 -19.63 -16.79 8.98
C ILE B 191 -20.60 -17.56 9.89
N GLN B 192 -20.11 -18.61 10.55
CA GLN B 192 -20.95 -19.40 11.42
C GLN B 192 -21.51 -18.59 12.59
N TYR B 193 -20.67 -17.87 13.34
CA TYR B 193 -21.18 -17.14 14.51
C TYR B 193 -22.04 -15.93 14.16
N ASN B 194 -21.81 -15.33 12.99
CA ASN B 194 -22.65 -14.24 12.51
C ASN B 194 -24.03 -14.76 12.15
N ASP B 195 -24.05 -15.85 11.39
CA ASP B 195 -25.30 -16.44 10.93
C ASP B 195 -26.14 -16.93 12.11
N GLY B 196 -25.47 -17.49 13.12
CA GLY B 196 -26.13 -17.93 14.37
C GLY B 196 -26.79 -16.79 15.13
N ILE B 197 -26.01 -15.74 15.36
CA ILE B 197 -26.53 -14.48 15.90
C ILE B 197 -27.68 -13.89 15.04
N VAL B 198 -27.52 -13.83 13.72
CA VAL B 198 -28.57 -13.21 12.91
C VAL B 198 -29.86 -14.00 13.05
N GLN B 199 -29.80 -15.32 13.01
CA GLN B 199 -31.01 -16.15 13.08
C GLN B 199 -31.66 -16.09 14.46
N THR B 200 -30.82 -16.12 15.50
CA THR B 200 -31.29 -15.90 16.87
C THR B 200 -32.11 -14.61 16.96
N ILE B 201 -31.61 -13.52 16.35
CA ILE B 201 -32.28 -12.22 16.35
C ILE B 201 -33.46 -12.18 15.37
N ALA B 202 -33.31 -12.82 14.22
CA ALA B 202 -34.39 -12.88 13.23
C ALA B 202 -35.67 -13.45 13.84
N ARG B 203 -35.51 -14.45 14.69
CA ARG B 203 -36.63 -14.94 15.50
C ARG B 203 -36.84 -14.00 16.68
N ASP B 220 -37.96 -13.80 24.91
CA ASP B 220 -36.92 -13.25 25.76
C ASP B 220 -36.32 -14.35 26.66
N LEU B 221 -35.82 -15.41 26.00
CA LEU B 221 -35.20 -16.55 26.69
C LEU B 221 -34.03 -17.05 25.85
N LYS B 222 -33.00 -16.22 25.78
CA LYS B 222 -31.94 -16.37 24.80
C LYS B 222 -30.66 -15.67 25.26
N ARG B 223 -29.48 -16.24 24.98
CA ARG B 223 -29.27 -17.53 24.27
C ARG B 223 -27.79 -17.88 24.03
N LEU B 224 -27.14 -17.47 22.93
CA LEU B 224 -27.15 -16.15 22.21
C LEU B 224 -25.89 -15.51 22.74
N LYS B 225 -25.91 -15.22 24.04
CA LYS B 225 -24.71 -14.88 24.79
C LYS B 225 -23.63 -15.85 24.42
N GLU B 226 -24.01 -17.11 24.27
CA GLU B 226 -23.05 -18.16 23.93
C GLU B 226 -22.39 -17.76 22.62
N CYS B 227 -23.19 -17.35 21.64
CA CYS B 227 -22.62 -16.88 20.36
C CYS B 227 -21.77 -15.59 20.48
N VAL B 228 -22.26 -14.62 21.26
CA VAL B 228 -21.52 -13.39 21.48
C VAL B 228 -20.16 -13.62 22.17
N SER B 229 -20.14 -14.50 23.16
CA SER B 229 -18.93 -14.74 23.94
C SER B 229 -17.81 -15.35 23.12
N ILE B 230 -18.15 -16.17 22.13
CA ILE B 230 -17.15 -16.73 21.23
C ILE B 230 -16.59 -15.63 20.37
N ARG B 231 -17.48 -14.79 19.83
CA ARG B 231 -17.08 -13.64 19.00
C ARG B 231 -16.20 -12.67 19.79
N ASP B 232 -16.61 -12.31 21.00
CA ASP B 232 -15.84 -11.37 21.80
C ASP B 232 -14.41 -11.87 22.04
N GLN B 233 -14.29 -13.16 22.35
CA GLN B 233 -13.00 -13.84 22.52
C GLN B 233 -12.18 -13.95 21.22
N LEU B 234 -12.84 -14.33 20.13
CA LEU B 234 -12.18 -14.41 18.82
C LEU B 234 -11.65 -13.05 18.36
N LEU B 235 -12.43 -12.01 18.56
CA LEU B 235 -12.00 -10.66 18.22
C LEU B 235 -10.94 -10.17 19.20
N TYR B 236 -11.13 -10.45 20.47
CA TYR B 236 -10.15 -10.02 21.46
C TYR B 236 -8.80 -10.66 21.17
N LYS B 237 -8.81 -11.85 20.57
CA LYS B 237 -7.59 -12.55 20.17
C LYS B 237 -6.85 -11.78 19.07
N LYS B 238 -7.59 -11.27 18.08
CA LYS B 238 -6.96 -10.45 17.04
C LYS B 238 -6.66 -9.05 17.55
N LEU B 239 -7.45 -8.58 18.52
CA LEU B 239 -7.17 -7.32 19.19
C LEU B 239 -5.87 -7.42 19.97
N LEU B 240 -5.65 -8.60 20.54
CA LEU B 240 -4.46 -8.87 21.36
C LEU B 240 -3.23 -8.93 20.46
N GLU B 241 -3.35 -9.56 19.30
CA GLU B 241 -2.30 -9.55 18.30
C GLU B 241 -1.89 -8.14 17.87
N HIS B 242 -2.88 -7.29 17.61
CA HIS B 242 -2.64 -5.97 17.01
C HIS B 242 -1.87 -4.98 17.89
N LYS B 243 -1.97 -5.13 19.20
CA LYS B 243 -1.37 -4.20 20.18
C LYS B 243 0.14 -4.37 20.33
N LYS B 244 0.59 -5.61 20.35
CA LYS B 244 2.02 -5.93 20.26
C LYS B 244 2.51 -5.67 18.83
N SER B 245 1.54 -5.61 17.92
CA SER B 245 1.77 -5.53 16.47
C SER B 245 1.63 -4.11 15.95
N LEU B 246 1.64 -3.13 16.86
CA LEU B 246 1.07 -1.82 16.60
C LEU B 246 2.10 -0.71 16.42
N THR B 247 1.88 0.13 15.41
CA THR B 247 2.78 1.22 15.06
C THR B 247 2.00 2.52 14.87
N PRO B 248 2.40 3.58 15.60
CA PRO B 248 1.80 4.92 15.41
C PRO B 248 1.88 5.49 13.98
N GLY B 249 3.06 5.41 13.36
CA GLY B 249 3.32 6.03 12.07
C GLY B 249 2.34 5.74 10.96
N GLU B 250 2.20 4.47 10.59
CA GLU B 250 1.30 4.06 9.51
C GLU B 250 0.30 3.04 10.07
N PRO B 251 -0.98 3.42 10.19
CA PRO B 251 -1.90 2.49 10.90
C PRO B 251 -2.05 1.11 10.25
N ARG B 252 -2.44 1.05 8.98
CA ARG B 252 -2.49 -0.23 8.23
C ARG B 252 -3.73 -1.13 8.50
N ASP B 253 -4.59 -0.73 9.42
CA ASP B 253 -5.76 -1.52 9.74
C ASP B 253 -6.79 -0.64 10.42
N LEU B 254 -8.04 -0.99 10.25
CA LEU B 254 -9.10 -0.23 10.86
C LEU B 254 -8.98 -0.33 12.38
N LEU B 255 -8.58 -1.50 12.85
CA LEU B 255 -8.39 -1.75 14.27
C LEU B 255 -7.18 -1.00 14.84
N ASP B 256 -6.10 -0.97 14.07
CA ASP B 256 -4.96 -0.11 14.39
C ASP B 256 -5.39 1.32 14.59
N ALA B 257 -6.06 1.87 13.56
CA ALA B 257 -6.54 3.25 13.56
C ALA B 257 -7.39 3.55 14.79
N LEU B 258 -8.26 2.60 15.13
CA LEU B 258 -9.02 2.64 16.39
C LEU B 258 -8.12 2.56 17.66
N LEU B 259 -7.11 1.68 17.67
CA LEU B 259 -6.19 1.60 18.84
C LEU B 259 -5.33 2.85 19.02
N ILE B 260 -4.79 3.37 17.92
CA ILE B 260 -4.14 4.68 17.94
C ILE B 260 -5.02 5.75 18.62
N GLY B 261 -6.25 5.90 18.13
CA GLY B 261 -7.14 6.93 18.67
C GLY B 261 -7.44 6.75 20.15
N GLN B 262 -7.53 5.48 20.57
CA GLN B 262 -7.84 5.14 21.95
C GLN B 262 -6.63 5.37 22.83
N GLN B 263 -5.45 5.04 22.31
CA GLN B 263 -4.20 5.37 22.95
C GLN B 263 -4.17 6.84 23.39
N ARG B 264 -4.63 7.73 22.53
CA ARG B 264 -4.51 9.18 22.75
C ARG B 264 -5.54 9.77 23.70
N GLY B 265 -5.41 9.48 24.99
CA GLY B 265 -6.30 10.07 25.99
C GLY B 265 -6.55 9.13 27.12
N SER B 266 -6.25 9.60 28.33
CA SER B 266 -6.67 8.91 29.55
C SER B 266 -7.38 9.96 30.37
N GLY B 267 -8.45 9.60 31.07
CA GLY B 267 -8.99 8.24 31.15
C GLY B 267 -10.03 8.09 32.26
N GLY B 268 -11.13 8.85 32.19
CA GLY B 268 -11.39 9.83 31.13
C GLY B 268 -12.86 9.94 30.81
N ALA B 269 -13.44 11.11 31.08
CA ALA B 269 -14.87 11.31 30.92
C ALA B 269 -15.35 10.80 29.56
N ASP B 270 -14.99 11.53 28.52
CA ASP B 270 -15.44 11.26 27.17
C ASP B 270 -14.40 10.43 26.39
N ASP B 271 -13.34 9.95 27.06
CA ASP B 271 -12.29 9.14 26.42
C ASP B 271 -12.73 7.70 26.27
N ILE B 272 -12.61 7.14 25.06
CA ILE B 272 -13.03 5.77 24.82
C ILE B 272 -12.08 4.73 25.39
N THR B 273 -12.65 3.76 26.10
CA THR B 273 -11.98 2.51 26.43
C THR B 273 -11.66 1.66 25.21
N GLU B 274 -10.93 0.59 25.47
CA GLU B 274 -10.56 -0.45 24.51
C GLU B 274 -11.73 -1.40 24.19
N ASP B 275 -12.76 -1.40 25.03
CA ASP B 275 -13.91 -2.24 24.80
C ASP B 275 -14.80 -1.64 23.73
N HIS B 276 -14.78 -0.31 23.62
CA HIS B 276 -15.44 0.38 22.51
C HIS B 276 -14.80 0.00 21.18
N VAL B 277 -13.48 -0.14 21.19
CA VAL B 277 -12.72 -0.55 20.02
C VAL B 277 -13.07 -1.97 19.61
N LEU B 278 -13.30 -2.84 20.60
CA LEU B 278 -13.67 -4.20 20.33
C LEU B 278 -15.09 -4.26 19.77
N MET B 279 -15.99 -3.43 20.31
CA MET B 279 -17.39 -3.36 19.84
C MET B 279 -17.51 -2.70 18.49
N THR B 280 -16.60 -1.74 18.21
CA THR B 280 -16.63 -1.03 16.96
C THR B 280 -16.17 -1.95 15.85
N ALA B 281 -15.23 -2.86 16.16
CA ALA B 281 -14.77 -3.83 15.16
C ALA B 281 -15.81 -4.95 14.92
N ALA B 282 -16.50 -5.38 15.97
CA ALA B 282 -17.58 -6.34 15.78
C ALA B 282 -18.70 -5.75 14.93
N GLU B 283 -19.04 -4.49 15.18
CA GLU B 283 -20.10 -3.79 14.42
C GLU B 283 -19.75 -3.54 12.95
N ALA B 284 -18.49 -3.21 12.70
CA ALA B 284 -17.94 -3.02 11.37
C ALA B 284 -18.14 -4.26 10.53
N PHE B 285 -17.81 -5.43 11.08
CA PHE B 285 -18.25 -6.74 10.54
C PHE B 285 -19.72 -6.96 10.27
N GLY B 286 -20.52 -6.88 11.32
CA GLY B 286 -21.93 -7.17 11.18
C GLY B 286 -22.43 -6.28 10.08
N ALA B 287 -22.25 -4.97 10.25
CA ALA B 287 -22.68 -4.04 9.24
C ALA B 287 -21.95 -4.25 7.93
N GLY B 288 -20.64 -4.43 7.99
CA GLY B 288 -19.86 -4.64 6.79
C GLY B 288 -20.44 -5.73 5.92
N VAL B 289 -20.85 -6.83 6.54
CA VAL B 289 -21.20 -8.01 5.78
C VAL B 289 -22.65 -8.01 5.35
N GLU B 290 -23.52 -7.65 6.29
CA GLU B 290 -24.94 -7.85 6.14
C GLU B 290 -25.54 -6.89 5.10
N THR B 291 -25.09 -5.64 5.11
CA THR B 291 -25.59 -4.66 4.13
C THR B 291 -25.13 -4.90 2.68
N THR B 292 -23.88 -5.28 2.51
CA THR B 292 -23.32 -5.42 1.16
C THR B 292 -23.78 -6.70 0.47
N SER B 293 -23.82 -7.81 1.21
CA SER B 293 -24.32 -9.09 0.70
C SER B 293 -25.73 -8.91 0.20
N THR B 294 -26.52 -8.25 1.02
CA THR B 294 -27.93 -8.09 0.70
C THR B 294 -28.11 -7.23 -0.53
N THR B 295 -27.35 -6.13 -0.60
CA THR B 295 -27.51 -5.20 -1.70
C THR B 295 -27.11 -5.88 -2.98
N LEU B 296 -26.08 -6.72 -2.88
CA LEU B 296 -25.63 -7.51 -4.02
C LEU B 296 -26.69 -8.51 -4.47
N LEU B 297 -27.31 -9.21 -3.54
CA LEU B 297 -28.26 -10.23 -3.92
C LEU B 297 -29.47 -9.57 -4.52
N TRP B 298 -29.79 -8.37 -4.04
CA TRP B 298 -30.87 -7.59 -4.65
C TRP B 298 -30.49 -7.10 -6.02
N THR B 299 -29.24 -6.66 -6.16
CA THR B 299 -28.80 -6.11 -7.45
C THR B 299 -28.90 -7.18 -8.51
N ILE B 300 -28.37 -8.34 -8.19
CA ILE B 300 -28.42 -9.47 -9.10
C ILE B 300 -29.88 -9.85 -9.37
N ALA B 301 -30.73 -9.77 -8.35
CA ALA B 301 -32.15 -10.09 -8.49
C ALA B 301 -32.81 -9.27 -9.58
N PHE B 302 -32.57 -7.96 -9.56
CA PHE B 302 -33.24 -7.06 -10.48
C PHE B 302 -32.68 -7.15 -11.89
N LEU B 303 -31.44 -7.63 -12.02
CA LEU B 303 -30.83 -7.81 -13.33
C LEU B 303 -31.32 -9.09 -14.03
N LEU B 304 -32.03 -9.94 -13.30
CA LEU B 304 -32.66 -11.12 -13.91
C LEU B 304 -34.05 -10.81 -14.52
N HIS B 305 -34.83 -9.98 -13.84
CA HIS B 305 -36.11 -9.52 -14.36
C HIS B 305 -35.91 -8.53 -15.51
N HIS B 306 -34.69 -8.03 -15.68
CA HIS B 306 -34.41 -6.92 -16.58
C HIS B 306 -33.12 -7.17 -17.39
N PRO B 307 -33.15 -8.15 -18.30
CA PRO B 307 -31.91 -8.41 -19.03
C PRO B 307 -31.56 -7.29 -19.98
N GLN B 308 -32.56 -6.71 -20.62
CA GLN B 308 -32.39 -5.53 -21.48
C GLN B 308 -31.45 -4.54 -20.80
N LEU B 309 -31.73 -4.25 -19.54
CA LEU B 309 -30.91 -3.35 -18.71
C LEU B 309 -29.53 -3.93 -18.31
N GLN B 310 -29.45 -5.23 -18.06
CA GLN B 310 -28.17 -5.85 -17.73
C GLN B 310 -27.20 -5.68 -18.86
N GLU B 311 -27.71 -5.81 -20.08
CA GLU B 311 -26.87 -5.72 -21.26
C GLU B 311 -26.48 -4.25 -21.57
N ARG B 312 -27.34 -3.29 -21.23
CA ARG B 312 -26.99 -1.86 -21.32
C ARG B 312 -25.77 -1.54 -20.47
N VAL B 313 -25.82 -1.97 -19.21
CA VAL B 313 -24.71 -1.78 -18.27
C VAL B 313 -23.44 -2.45 -18.83
N GLN B 314 -23.60 -3.63 -19.40
CA GLN B 314 -22.47 -4.39 -19.93
C GLN B 314 -21.89 -3.71 -21.16
N ALA B 315 -22.76 -3.07 -21.95
CA ALA B 315 -22.37 -2.20 -23.07
C ALA B 315 -21.59 -0.96 -22.60
N GLU B 316 -22.01 -0.40 -21.48
CA GLU B 316 -21.35 0.78 -20.87
C GLU B 316 -19.95 0.44 -20.34
N LEU B 317 -19.79 -0.79 -19.85
CA LEU B 317 -18.52 -1.23 -19.28
C LEU B 317 -17.51 -1.45 -20.39
N ASP B 318 -17.95 -2.10 -21.47
CA ASP B 318 -17.15 -2.29 -22.68
C ASP B 318 -16.62 -0.98 -23.28
N GLU B 319 -17.50 0.01 -23.38
CA GLU B 319 -17.19 1.28 -24.03
C GLU B 319 -16.32 2.24 -23.22
N CYS B 320 -16.24 2.04 -21.90
CA CYS B 320 -15.34 2.88 -21.09
C CYS B 320 -14.22 2.13 -20.34
N VAL B 321 -14.46 0.90 -19.92
CA VAL B 321 -13.41 0.07 -19.30
C VAL B 321 -12.98 -0.97 -20.32
N GLY B 322 -11.89 -1.67 -20.06
CA GLY B 322 -11.51 -2.80 -20.91
C GLY B 322 -12.51 -3.95 -20.87
N VAL B 323 -12.18 -5.03 -21.58
CA VAL B 323 -12.82 -6.33 -21.37
C VAL B 323 -12.04 -7.18 -20.35
N ASP B 324 -10.79 -6.79 -20.06
CA ASP B 324 -9.88 -7.62 -19.27
C ASP B 324 -9.27 -6.88 -18.08
N ARG B 325 -8.88 -5.63 -18.30
CA ARG B 325 -8.49 -4.72 -17.22
C ARG B 325 -9.67 -4.51 -16.22
N PRO B 326 -9.40 -4.69 -14.91
CA PRO B 326 -10.35 -4.41 -13.82
C PRO B 326 -10.83 -2.97 -13.78
N PRO B 327 -12.11 -2.75 -13.47
CA PRO B 327 -12.53 -1.36 -13.33
C PRO B 327 -11.91 -0.68 -12.10
N CYS B 328 -11.68 0.63 -12.16
CA CYS B 328 -11.17 1.40 -11.00
C CYS B 328 -12.22 2.46 -10.55
N LEU B 329 -12.00 3.11 -9.40
CA LEU B 329 -12.90 4.19 -8.93
C LEU B 329 -12.88 5.42 -9.85
N SER B 330 -11.79 5.57 -10.62
CA SER B 330 -11.64 6.67 -11.57
C SER B 330 -12.48 6.52 -12.85
N ASP B 331 -13.19 5.40 -12.99
CA ASP B 331 -14.18 5.22 -14.05
C ASP B 331 -15.61 5.59 -13.64
N ARG B 332 -15.88 5.85 -12.35
CA ARG B 332 -17.26 6.11 -11.88
C ARG B 332 -18.01 7.18 -12.66
N PRO B 333 -17.36 8.34 -12.91
CA PRO B 333 -18.05 9.38 -13.66
C PRO B 333 -18.41 8.94 -15.08
N HIS B 334 -17.71 7.94 -15.62
CA HIS B 334 -17.99 7.44 -16.96
C HIS B 334 -18.93 6.20 -17.00
N LEU B 335 -19.50 5.84 -15.85
CA LEU B 335 -20.46 4.73 -15.77
C LEU B 335 -21.77 5.15 -15.07
N PRO B 336 -22.46 6.15 -15.63
CA PRO B 336 -23.61 6.74 -14.94
C PRO B 336 -24.77 5.78 -14.75
N LEU B 337 -24.99 4.88 -15.70
CA LEU B 337 -26.09 3.91 -15.63
C LEU B 337 -25.83 2.79 -14.59
N LEU B 338 -24.57 2.47 -14.32
CA LEU B 338 -24.24 1.49 -13.33
C LEU B 338 -24.50 2.06 -11.96
N ASP B 339 -24.09 3.29 -11.77
CA ASP B 339 -24.33 3.98 -10.52
C ASP B 339 -25.83 4.29 -10.36
N ALA B 340 -26.53 4.46 -11.46
CA ALA B 340 -27.98 4.62 -11.41
C ALA B 340 -28.68 3.34 -10.89
N VAL B 341 -28.18 2.19 -11.30
CA VAL B 341 -28.71 0.90 -10.91
C VAL B 341 -28.46 0.63 -9.43
N LEU B 342 -27.27 0.93 -8.95
CA LEU B 342 -26.99 0.76 -7.53
C LEU B 342 -27.84 1.71 -6.69
N CYS B 343 -28.06 2.92 -7.17
CA CYS B 343 -28.85 3.87 -6.40
C CYS B 343 -30.31 3.41 -6.42
N GLU B 344 -30.75 2.86 -7.53
CA GLU B 344 -32.12 2.37 -7.67
C GLU B 344 -32.38 1.14 -6.80
N VAL B 345 -31.43 0.22 -6.72
CA VAL B 345 -31.55 -0.96 -5.84
C VAL B 345 -31.70 -0.57 -4.35
N MET B 346 -30.94 0.44 -3.93
CA MET B 346 -31.02 0.98 -2.59
C MET B 346 -32.37 1.64 -2.25
N ARG B 347 -32.98 2.28 -3.25
CA ARG B 347 -34.29 2.95 -3.09
C ARG B 347 -35.43 1.97 -3.07
N ILE B 348 -35.36 0.97 -3.93
CA ILE B 348 -36.52 0.14 -4.18
C ILE B 348 -36.69 -0.92 -3.10
N ARG B 349 -35.56 -1.30 -2.48
CA ARG B 349 -35.55 -2.31 -1.42
C ARG B 349 -34.60 -1.87 -0.32
N PRO B 350 -35.08 -0.97 0.54
CA PRO B 350 -34.26 -0.44 1.60
C PRO B 350 -33.73 -1.55 2.52
N VAL B 351 -32.42 -1.52 2.78
CA VAL B 351 -31.83 -2.44 3.73
C VAL B 351 -32.56 -2.44 5.08
N SER B 352 -32.87 -1.25 5.57
CA SER B 352 -33.65 -1.04 6.79
C SER B 352 -34.94 -0.24 6.47
N PRO B 353 -36.01 -0.92 6.03
CA PRO B 353 -37.27 -0.24 5.71
C PRO B 353 -37.84 0.55 6.88
N ILE B 354 -37.48 0.17 8.10
CA ILE B 354 -37.71 1.03 9.25
C ILE B 354 -36.42 1.17 9.99
N LEU B 355 -35.95 2.38 10.21
CA LEU B 355 -34.60 2.54 10.74
C LEU B 355 -34.52 2.22 12.21
N ILE B 356 -33.28 2.13 12.68
CA ILE B 356 -32.99 1.94 14.08
C ILE B 356 -33.68 3.10 14.80
N PRO B 357 -34.55 2.80 15.80
CA PRO B 357 -35.31 3.84 16.49
C PRO B 357 -34.43 4.99 16.92
N HIS B 358 -34.95 6.20 16.76
CA HIS B 358 -34.30 7.42 17.23
C HIS B 358 -35.10 7.83 18.45
N VAL B 359 -34.46 8.43 19.45
CA VAL B 359 -35.18 8.79 20.67
C VAL B 359 -35.03 10.28 20.96
N ALA B 360 -36.11 10.89 21.45
CA ALA B 360 -36.09 12.30 21.75
C ALA B 360 -35.26 12.52 23.02
N MET B 361 -34.16 13.25 22.85
CA MET B 361 -33.18 13.52 23.92
C MET B 361 -33.74 14.49 24.97
N GLN B 362 -34.56 15.40 24.50
CA GLN B 362 -35.15 16.44 25.31
C GLN B 362 -36.60 16.55 24.87
N ASP B 363 -37.41 17.32 25.56
CA ASP B 363 -38.74 17.66 25.02
C ASP B 363 -38.54 18.42 23.71
N THR B 364 -39.34 18.08 22.70
CA THR B 364 -39.18 18.73 21.39
C THR B 364 -40.49 18.68 20.63
N SER B 365 -40.40 18.68 19.30
CA SER B 365 -41.57 18.73 18.47
C SER B 365 -41.31 18.12 17.10
N LEU B 366 -42.36 17.60 16.49
CA LEU B 366 -42.34 17.13 15.12
C LEU B 366 -43.74 17.36 14.59
N GLY B 367 -43.85 17.67 13.30
CA GLY B 367 -45.06 18.32 12.78
C GLY B 367 -45.11 19.67 13.48
N GLY B 368 -46.25 20.01 14.05
CA GLY B 368 -46.32 21.11 15.00
C GLY B 368 -46.84 20.54 16.30
N HIS B 369 -46.44 19.30 16.58
CA HIS B 369 -46.91 18.56 17.74
C HIS B 369 -45.75 18.38 18.71
N SER B 370 -46.02 18.66 19.98
CA SER B 370 -45.01 18.52 21.01
C SER B 370 -44.76 17.03 21.22
N VAL B 371 -43.48 16.66 21.21
CA VAL B 371 -43.02 15.31 21.34
C VAL B 371 -42.25 15.26 22.64
N PRO B 372 -42.76 14.50 23.62
CA PRO B 372 -42.11 14.40 24.91
C PRO B 372 -40.69 13.88 24.82
N LYS B 373 -39.88 14.17 25.83
CA LYS B 373 -38.62 13.48 26.00
C LYS B 373 -38.92 11.98 26.13
N GLY B 374 -38.03 11.19 25.55
CA GLY B 374 -38.15 9.74 25.62
C GLY B 374 -38.94 9.10 24.50
N THR B 375 -39.60 9.89 23.67
CA THR B 375 -40.41 9.34 22.57
C THR B 375 -39.54 8.64 21.54
N ARG B 376 -39.85 7.37 21.23
CA ARG B 376 -39.12 6.63 20.19
C ARG B 376 -39.71 6.86 18.79
N VAL B 377 -38.87 7.23 17.84
CA VAL B 377 -39.33 7.58 16.51
C VAL B 377 -38.88 6.55 15.46
N LEU B 378 -39.81 5.96 14.76
CA LEU B 378 -39.49 5.00 13.71
C LEU B 378 -39.60 5.64 12.33
N VAL B 379 -38.47 5.99 11.76
CA VAL B 379 -38.45 6.56 10.42
C VAL B 379 -38.79 5.47 9.40
N ASN B 380 -39.89 5.64 8.68
CA ASN B 380 -40.31 4.64 7.70
C ASN B 380 -39.62 4.95 6.38
N MET B 381 -38.49 4.29 6.14
CA MET B 381 -37.70 4.59 4.95
C MET B 381 -38.31 3.98 3.70
N TRP B 382 -38.98 2.81 3.85
CA TRP B 382 -39.72 2.22 2.73
C TRP B 382 -40.61 3.26 2.14
N ALA B 383 -41.36 3.94 3.02
CA ALA B 383 -42.44 4.84 2.61
C ALA B 383 -41.94 6.03 1.79
N ILE B 384 -40.92 6.70 2.30
CA ILE B 384 -40.38 7.92 1.67
C ILE B 384 -39.75 7.62 0.29
N HIS B 385 -39.29 6.39 0.13
CA HIS B 385 -38.64 5.96 -1.08
C HIS B 385 -39.63 5.41 -2.08
N HIS B 386 -40.90 5.32 -1.69
CA HIS B 386 -41.96 4.77 -2.55
C HIS B 386 -43.18 5.71 -2.60
N ASP B 387 -42.97 6.95 -2.16
CA ASP B 387 -44.01 7.98 -2.12
C ASP B 387 -44.36 8.44 -3.55
N PRO B 388 -45.60 8.17 -3.99
CA PRO B 388 -45.92 8.60 -5.36
C PRO B 388 -45.91 10.11 -5.54
N LYS B 389 -46.10 10.86 -4.47
CA LYS B 389 -46.04 12.33 -4.52
C LYS B 389 -44.68 12.81 -5.04
N HIS B 390 -43.63 11.97 -4.88
CA HIS B 390 -42.23 12.38 -5.11
C HIS B 390 -41.43 11.48 -6.05
N TRP B 391 -41.96 10.31 -6.39
CA TRP B 391 -41.33 9.37 -7.31
C TRP B 391 -42.37 8.89 -8.29
N ASP B 392 -42.07 8.99 -9.58
CA ASP B 392 -42.96 8.51 -10.66
C ASP B 392 -42.75 7.00 -10.85
N GLN B 393 -43.83 6.22 -10.71
CA GLN B 393 -43.79 4.74 -10.72
C GLN B 393 -42.85 4.19 -9.64
N PRO B 394 -43.16 4.47 -8.36
CA PRO B 394 -42.30 4.02 -7.26
C PRO B 394 -42.19 2.50 -7.15
N GLU B 395 -43.21 1.80 -7.63
CA GLU B 395 -43.18 0.34 -7.66
C GLU B 395 -42.23 -0.22 -8.74
N GLN B 396 -41.99 0.53 -9.81
CA GLN B 396 -41.22 -0.03 -10.93
C GLN B 396 -39.72 0.32 -10.86
N PHE B 397 -38.93 -0.61 -11.39
CA PHE B 397 -37.51 -0.53 -11.34
C PHE B 397 -36.97 0.22 -12.57
N ASN B 398 -36.63 1.49 -12.36
CA ASN B 398 -36.21 2.39 -13.43
C ASN B 398 -34.97 3.16 -13.02
N PRO B 399 -33.79 2.59 -13.26
CA PRO B 399 -32.56 3.33 -13.01
C PRO B 399 -32.53 4.65 -13.74
N GLU B 400 -33.24 4.73 -14.88
CA GLU B 400 -33.27 5.95 -15.70
C GLU B 400 -33.73 7.16 -14.91
N ARG B 401 -34.55 6.93 -13.90
CA ARG B 401 -34.96 7.99 -12.96
C ARG B 401 -33.80 8.73 -12.23
N PHE B 402 -32.59 8.19 -12.26
CA PHE B 402 -31.45 8.84 -11.65
C PHE B 402 -30.53 9.44 -12.71
N LEU B 403 -31.00 9.49 -13.95
CA LEU B 403 -30.22 10.09 -15.02
C LEU B 403 -30.85 11.42 -15.44
N GLN B 412 -32.38 15.83 -5.95
CA GLN B 412 -32.00 14.58 -5.28
C GLN B 412 -33.17 13.55 -5.14
N SER B 413 -34.15 13.71 -4.24
CA SER B 413 -34.36 14.82 -3.27
C SER B 413 -35.67 14.51 -2.58
N SER B 414 -35.55 13.79 -1.47
CA SER B 414 -36.52 12.78 -0.99
C SER B 414 -35.90 11.38 -1.13
N PHE B 415 -34.57 11.34 -1.24
CA PHE B 415 -33.82 10.10 -1.30
C PHE B 415 -32.72 10.14 -0.26
N LEU B 416 -32.89 9.38 0.82
CA LEU B 416 -31.87 9.27 1.82
C LEU B 416 -31.43 7.82 2.08
N PRO B 417 -30.77 7.15 1.09
CA PRO B 417 -30.35 5.77 1.30
C PRO B 417 -29.59 5.51 2.60
N PHE B 418 -28.66 6.40 2.95
CA PHE B 418 -27.83 6.20 4.12
C PHE B 418 -28.27 7.07 5.29
N GLY B 419 -29.49 7.61 5.21
CA GLY B 419 -30.02 8.43 6.28
C GLY B 419 -29.40 9.80 6.18
N ALA B 420 -29.22 10.46 7.31
CA ALA B 420 -28.74 11.83 7.32
C ALA B 420 -28.59 12.33 8.75
N GLY B 421 -27.80 13.37 8.95
CA GLY B 421 -27.72 14.04 10.25
C GLY B 421 -26.73 13.36 11.17
N PRO B 422 -26.75 13.72 12.47
CA PRO B 422 -25.83 13.13 13.43
C PRO B 422 -25.75 11.63 13.30
N ARG B 423 -26.86 10.96 12.99
CA ARG B 423 -26.87 9.49 12.94
C ARG B 423 -26.71 8.89 11.57
N VAL B 424 -26.05 9.60 10.70
CA VAL B 424 -25.90 9.10 9.33
C VAL B 424 -25.08 7.81 9.30
N CYS B 425 -25.26 6.97 8.30
CA CYS B 425 -24.45 5.75 8.15
C CYS B 425 -22.96 5.99 8.25
N VAL B 426 -22.25 5.28 9.12
CA VAL B 426 -20.78 5.51 9.17
C VAL B 426 -20.01 4.84 8.02
N GLY B 427 -20.60 3.87 7.36
CA GLY B 427 -19.89 3.12 6.31
C GLY B 427 -20.50 3.34 4.93
N GLU B 428 -20.78 4.60 4.63
CA GLU B 428 -21.35 5.00 3.35
C GLU B 428 -20.25 4.97 2.27
N SER B 429 -19.10 5.60 2.56
CA SER B 429 -17.95 5.59 1.65
C SER B 429 -17.57 4.15 1.37
N LEU B 430 -17.53 3.33 2.43
CA LEU B 430 -17.14 1.95 2.26
C LEU B 430 -18.15 1.25 1.37
N ALA B 431 -19.43 1.35 1.69
CA ALA B 431 -20.47 0.69 0.90
C ALA B 431 -20.52 1.14 -0.57
N ARG B 432 -20.50 2.45 -0.80
CA ARG B 432 -20.55 2.97 -2.17
C ARG B 432 -19.38 2.43 -2.99
N ILE B 433 -18.17 2.64 -2.49
CA ILE B 433 -16.95 2.14 -3.12
C ILE B 433 -16.99 0.65 -3.35
N GLU B 434 -17.30 -0.10 -2.30
CA GLU B 434 -17.38 -1.57 -2.35
C GLU B 434 -18.40 -2.08 -3.37
N LEU B 435 -19.59 -1.49 -3.36
CA LEU B 435 -20.66 -1.93 -4.24
C LEU B 435 -20.37 -1.62 -5.68
N PHE B 436 -19.80 -0.44 -5.92
CA PHE B 436 -19.36 -0.09 -7.28
C PHE B 436 -18.32 -1.07 -7.81
N LEU B 437 -17.26 -1.26 -7.04
CA LEU B 437 -16.14 -2.10 -7.46
C LEU B 437 -16.47 -3.55 -7.79
N PHE B 438 -17.21 -4.30 -6.97
CA PHE B 438 -17.61 -5.62 -7.49
C PHE B 438 -19.04 -5.73 -7.98
N VAL B 439 -19.59 -4.68 -8.56
CA VAL B 439 -20.72 -4.85 -9.48
C VAL B 439 -20.24 -4.59 -10.90
N SER B 440 -19.40 -3.57 -11.03
CA SER B 440 -18.66 -3.34 -12.25
C SER B 440 -17.90 -4.59 -12.72
N ARG B 441 -17.32 -5.35 -11.79
CA ARG B 441 -16.53 -6.50 -12.18
C ARG B 441 -17.32 -7.78 -12.47
N PRO B 442 -18.29 -8.15 -11.63
CA PRO B 442 -19.04 -9.32 -12.06
C PRO B 442 -19.70 -9.07 -13.38
N LEU B 443 -20.25 -7.87 -13.58
CA LEU B 443 -20.87 -7.54 -14.85
C LEU B 443 -19.87 -7.38 -16.02
N GLN B 444 -18.62 -7.03 -15.74
CA GLN B 444 -17.54 -7.12 -16.75
C GLN B 444 -17.23 -8.53 -17.22
N ARG B 445 -17.19 -9.48 -16.28
CA ARG B 445 -16.78 -10.84 -16.62
C ARG B 445 -17.93 -11.80 -16.84
N PHE B 446 -19.04 -11.61 -16.14
CA PHE B 446 -20.13 -12.58 -16.16
C PHE B 446 -21.44 -12.04 -16.65
N SER B 447 -22.28 -12.94 -17.12
CA SER B 447 -23.65 -12.60 -17.44
C SER B 447 -24.54 -13.44 -16.50
N PHE B 448 -25.59 -12.84 -15.94
CA PHE B 448 -26.54 -13.54 -15.05
C PHE B 448 -27.94 -13.74 -15.65
N SER B 449 -28.51 -14.97 -15.56
CA SER B 449 -29.89 -15.26 -16.13
C SER B 449 -30.89 -16.21 -15.37
N CYS B 450 -32.23 -16.03 -15.50
CA CYS B 450 -33.26 -17.03 -15.00
C CYS B 450 -33.06 -18.13 -15.97
N PRO B 451 -32.77 -19.36 -15.49
CA PRO B 451 -32.89 -20.43 -16.48
C PRO B 451 -34.30 -20.44 -17.05
N SER B 452 -34.48 -20.92 -18.28
CA SER B 452 -35.80 -20.84 -18.90
C SER B 452 -36.79 -21.61 -18.06
N GLU B 453 -36.23 -22.53 -17.27
CA GLU B 453 -36.94 -23.30 -16.29
C GLU B 453 -36.80 -22.68 -14.90
N ALA B 454 -36.22 -21.49 -14.81
CA ALA B 454 -35.78 -20.95 -13.52
C ALA B 454 -36.87 -20.66 -12.50
N SER B 455 -38.02 -20.15 -12.94
CA SER B 455 -38.89 -19.47 -12.01
C SER B 455 -38.11 -18.26 -11.50
N LEU B 456 -38.52 -17.09 -11.98
CA LEU B 456 -37.85 -15.82 -11.69
C LEU B 456 -37.74 -15.60 -10.19
N PRO B 457 -36.65 -14.96 -9.74
CA PRO B 457 -36.53 -14.71 -8.30
C PRO B 457 -37.71 -13.91 -7.75
N ASP B 458 -38.07 -14.19 -6.51
CA ASP B 458 -39.15 -13.48 -5.83
C ASP B 458 -38.58 -12.16 -5.30
N LEU B 459 -39.26 -11.07 -5.64
CA LEU B 459 -38.80 -9.71 -5.26
C LEU B 459 -39.55 -9.12 -4.09
N GLN B 460 -40.20 -9.95 -3.28
CA GLN B 460 -40.88 -9.47 -2.10
C GLN B 460 -39.83 -9.23 -1.02
N GLY B 461 -39.17 -10.30 -0.62
CA GLY B 461 -38.13 -10.19 0.38
C GLY B 461 -38.56 -10.27 1.84
N ARG B 462 -37.66 -10.78 2.66
CA ARG B 462 -37.93 -11.07 4.02
C ARG B 462 -36.99 -10.25 4.92
N PHE B 463 -37.59 -9.49 5.83
CA PHE B 463 -36.85 -8.76 6.82
C PHE B 463 -36.25 -9.71 7.87
N GLY B 464 -34.93 -9.86 7.83
CA GLY B 464 -34.17 -10.42 8.94
C GLY B 464 -33.74 -9.24 9.79
N VAL B 465 -32.42 -9.09 10.00
CA VAL B 465 -31.87 -7.83 10.54
C VAL B 465 -31.75 -6.75 9.46
N VAL B 466 -31.81 -7.18 8.19
CA VAL B 466 -31.95 -6.31 7.03
C VAL B 466 -32.99 -6.92 6.11
N LEU B 467 -33.43 -6.16 5.10
CA LEU B 467 -34.47 -6.63 4.17
C LEU B 467 -33.82 -7.40 3.05
N GLN B 468 -34.03 -8.71 3.00
CA GLN B 468 -33.31 -9.56 2.05
C GLN B 468 -34.24 -10.27 1.10
N PRO B 469 -33.68 -10.77 -0.03
CA PRO B 469 -34.49 -11.45 -1.02
C PRO B 469 -34.59 -12.94 -0.76
N GLU B 470 -35.70 -13.55 -1.16
CA GLU B 470 -35.82 -14.99 -1.05
C GLU B 470 -34.76 -15.62 -1.93
N ARG B 471 -34.10 -16.66 -1.43
CA ARG B 471 -32.96 -17.26 -2.13
C ARG B 471 -33.42 -17.78 -3.47
N TYR B 472 -32.56 -17.69 -4.47
CA TYR B 472 -32.97 -17.93 -5.84
C TYR B 472 -31.92 -18.64 -6.67
N THR B 473 -32.35 -19.09 -7.84
CA THR B 473 -31.49 -19.79 -8.78
C THR B 473 -31.03 -18.83 -9.88
N VAL B 474 -29.73 -18.84 -10.16
CA VAL B 474 -29.18 -18.01 -11.22
C VAL B 474 -28.13 -18.80 -11.99
N THR B 475 -28.09 -18.60 -13.30
CA THR B 475 -27.02 -19.16 -14.12
C THR B 475 -25.98 -18.08 -14.43
N VAL B 476 -24.71 -18.40 -14.17
CA VAL B 476 -23.59 -17.53 -14.53
C VAL B 476 -23.01 -18.00 -15.87
N THR B 477 -22.14 -17.19 -16.49
CA THR B 477 -21.61 -17.48 -17.83
C THR B 477 -20.11 -17.08 -17.94
N PRO B 478 -19.68 -16.64 -19.14
CA PRO B 478 -18.40 -15.97 -19.23
C PRO B 478 -18.50 -14.78 -20.18
N ARG B 479 -17.39 -14.43 -20.81
CA ARG B 479 -17.37 -13.62 -22.03
C ARG B 479 -16.04 -13.85 -22.77
N HIS B 480 -15.64 -15.12 -22.82
CA HIS B 480 -14.37 -15.58 -23.42
C HIS B 480 -14.18 -17.10 -23.28
N HIS B 481 -14.71 -17.67 -22.20
CA HIS B 481 -14.61 -19.10 -21.91
C HIS B 481 -15.85 -19.86 -22.39
CHA HEM C . 30.34 6.05 -1.26
CHB HEM C . 29.58 1.35 -1.80
CHC HEM C . 25.02 2.36 -3.11
CHD HEM C . 25.74 7.01 -2.14
C1A HEM C . 30.52 4.72 -1.30
C2A HEM C . 31.74 4.05 -1.06
C3A HEM C . 31.51 2.75 -1.23
C4A HEM C . 30.16 2.57 -1.54
CMA HEM C . 32.51 1.66 -1.11
CAA HEM C . 33.07 4.71 -0.80
CBA HEM C . 33.79 4.50 0.52
CGA HEM C . 34.92 5.53 0.55
O1A HEM C . 35.58 5.65 1.60
O2A HEM C . 35.19 6.27 -0.44
C1B HEM C . 28.26 1.25 -2.21
C2B HEM C . 27.67 0.00 -2.54
C3B HEM C . 26.38 0.23 -2.91
C4B HEM C . 26.19 1.71 -2.84
CMB HEM C . 28.28 -1.37 -2.47
CAB HEM C . 25.47 -0.84 -3.31
CBB HEM C . 24.24 -0.65 -3.81
C1C HEM C . 24.81 3.71 -2.92
C2C HEM C . 23.57 4.32 -3.07
C3C HEM C . 23.73 5.67 -2.82
C4C HEM C . 25.10 5.85 -2.46
CMC HEM C . 22.28 3.65 -3.46
CAC HEM C . 22.61 6.61 -2.83
CBC HEM C . 22.64 7.83 -2.30
C1D HEM C . 27.08 7.06 -1.85
C2D HEM C . 27.72 8.35 -1.60
C3D HEM C . 29.02 8.08 -1.35
C4D HEM C . 29.13 6.62 -1.46
CMD HEM C . 27.08 9.71 -1.58
CAD HEM C . 30.13 9.03 -0.97
CBD HEM C . 30.40 8.84 0.53
CGD HEM C . 31.39 9.84 1.08
O1D HEM C . 31.46 10.03 2.32
O2D HEM C . 32.13 10.52 0.32
NA HEM C . 29.56 3.83 -1.63
NB HEM C . 27.36 2.22 -2.40
NC HEM C . 25.72 4.65 -2.57
ND HEM C . 27.96 6.06 -1.77
FE HEM C . 27.69 4.26 -2.08
C1 AER D . 26.39 8.98 -12.13
C2 AER D . 25.95 9.80 -13.32
C3 AER D . 25.24 11.03 -12.87
O3 AER D . 24.69 11.59 -14.05
C4 AER D . 26.28 11.91 -12.20
C5 AER D . 26.79 11.15 -10.99
C6 AER D . 26.78 11.76 -9.80
C7 AER D . 27.33 11.13 -8.53
C8 AER D . 28.05 9.82 -8.79
C9 AER D . 27.30 9.00 -9.82
C10 AER D . 27.32 9.73 -11.18
C11 AER D . 27.70 7.51 -9.89
C12 AER D . 28.14 6.79 -8.57
C13 AER D . 28.95 7.70 -7.67
C14 AER D . 28.11 8.98 -7.52
C15 AER D . 28.57 9.67 -6.25
C16 AER D . 28.67 8.47 -5.33
C17 AER D . 29.27 7.34 -6.19
C18 AER D . 30.30 7.91 -8.38
C19 AER D . 28.71 9.87 -11.80
C20 AER D . 29.01 5.98 -5.67
C21 AER D . 28.37 5.75 -4.46
N22 AER D . 28.19 4.52 -3.94
C23 AER D . 28.67 3.47 -4.61
C24 AER D . 29.36 3.62 -5.80
C25 AER D . 29.54 4.89 -6.32
HG HG E . 22.76 14.69 -22.94
HG HG F . 9.13 -15.37 7.96
HG HG G . 22.35 -19.60 -22.40
CHA HEM H . -26.51 3.36 9.91
CHB HEM H . -27.94 2.67 5.40
CHC HEM H . -24.00 -0.09 4.63
CHD HEM H . -22.50 0.94 9.15
C1A HEM H . -27.20 3.40 8.74
C2A HEM H . -28.42 4.07 8.64
C3A HEM H . -28.85 3.89 7.36
C4A HEM H . -27.87 3.10 6.69
CMA HEM H . -30.11 4.42 6.72
CAA HEM H . -28.92 4.80 9.86
CBA HEM H . -30.29 5.40 9.95
CGA HEM H . -30.41 5.86 11.40
O1A HEM H . -30.28 7.05 11.71
O2A HEM H . -30.61 5.07 12.32
C1B HEM H . -26.98 1.85 4.81
C2B HEM H . -27.10 1.40 3.49
C3B HEM H . -26.03 0.64 3.20
C4B HEM H . -25.21 0.58 4.44
CMB HEM H . -28.19 1.69 2.52
CAB HEM H . -25.94 0.01 1.88
CBB HEM H . -25.08 -0.94 1.57
C1C HEM H . -23.21 -0.03 5.80
C2C HEM H . -21.92 -0.59 5.98
C3C HEM H . -21.50 -0.30 7.26
C4C HEM H . -22.51 0.47 7.88
CMC HEM H . -21.10 -1.35 4.98
CAC HEM H . -20.17 -0.71 7.74
CBC HEM H . -19.59 -0.32 8.87
C1D HEM H . -23.55 1.68 9.67
C2D HEM H . -23.52 2.13 11.07
C3D HEM H . -24.62 2.81 11.28
C4D HEM H . -25.32 2.74 10.01
CMD HEM H . -22.48 1.93 12.13
CAD HEM H . -25.05 3.45 12.58
CBD HEM H . -24.89 4.97 12.64
CGD HEM H . -25.38 5.48 13.98
O1D HEM H . -25.03 6.58 14.44
O2D HEM H . -26.17 4.82 14.68
NA HEM H . -26.88 2.77 7.58
NB HEM H . -25.86 1.35 5.34
NC HEM H . -23.54 0.59 6.98
ND HEM H . -24.67 2.06 9.07
FE HEM H . -25.24 1.72 7.30
C1 AER I . -25.34 -8.29 12.23
C2 AER I . -24.85 -9.61 12.87
C3 AER I . -23.71 -9.39 13.88
O3 AER I . -23.14 -10.64 14.38
C4 AER I . -24.13 -8.43 14.97
C5 AER I . -24.57 -7.14 14.32
C6 AER I . -24.04 -6.00 14.79
C7 AER I . -24.51 -4.63 14.36
C8 AER I . -25.71 -4.64 13.42
C9 AER I . -25.63 -5.82 12.48
C10 AER I . -25.63 -7.17 13.24
C11 AER I . -26.71 -5.71 11.37
C12 AER I . -26.84 -4.36 10.65
C13 AER I . -26.90 -3.22 11.64
C14 AER I . -25.67 -3.42 12.52
C15 AER I . -25.39 -2.07 13.16
C16 AER I . -25.50 -1.19 11.94
C17 AER I . -26.75 -1.72 11.21
C18 AER I . -28.23 -3.32 12.40
C19 AER I . -26.95 -7.44 13.97
C20 AER I . -26.85 -1.28 9.78
C21 AER I . -25.98 -0.34 9.22
N22 AER I . -26.07 0.12 7.96
C23 AER I . -27.07 -0.36 7.23
C24 AER I . -27.98 -1.27 7.73
C25 AER I . -27.88 -1.74 9.01
HG HG J . -40.06 -2.80 18.91
HG HG K . -13.38 5.32 -18.61
#